data_6GFG
#
_entry.id   6GFG
#
_cell.length_a   59.566
_cell.length_b   60.820
_cell.length_c   82.439
_cell.angle_alpha   89.500
_cell.angle_beta   88.340
_cell.angle_gamma   62.540
#
_symmetry.space_group_name_H-M   'P 1'
#
loop_
_entity.id
_entity.type
_entity.pdbx_description
1 polymer 'Inositol-pentakisphosphate 2-kinase'
2 non-polymer 'D-chiro inositol hexakisphosphate'
3 non-polymer "ADENOSINE-5'-DIPHOSPHATE"
4 non-polymer 'MAGNESIUM ION'
5 non-polymer 'ZINC ION'
#
_entity_poly.entity_id   1
_entity_poly.type   'polypeptide(L)'
_entity_poly.pdbx_seq_one_letter_code
;MAHHHHHHSSGLEVLFQGPMEMILEEKDASDWIYRGEGGANLVLAYAGSSPLFVGKVIRIQKARRNDKAIKNSNGVVSVL
TSDEQHLWRENNELISSPNKEVLEQRYVQNVIIPLLGPKHVDAGVRVSVSKEFLECVDKKVTKQRPLWRVNAANVDTSHD
SALILNDHSLFSQGITSGGDCISVEIKPKCGFLPTSRFIGKENMLKTSVSRFKMHQLLKLEYIEISEESEYDPLDLFSGS
KERVLEAIKALYSTPQNNFRVFLNGSLILGGSGESTGRTSPEIGYAFEDALKGFIQSEDGHRTECFLQLVSDAVYGSGVL
DRLLEIQKLDKLDIEGAIHCYYDIINQPCPICKEGRPLEAELSLHALPLDESLKIVKEYLIAATAKDCSIMISFQSRNAW
DSEPSGDYVSLKPTNQTFDYKVHFIDLSLKPLKRMESYYKLDKKIISFYNRKQKAENTAEQIGNSKPSHS
;
_entity_poly.pdbx_strand_id   B,A
#
loop_
_chem_comp.id
_chem_comp.type
_chem_comp.name
_chem_comp.formula
ADP non-polymer ADENOSINE-5'-DIPHOSPHATE 'C10 H15 N5 O10 P2'
KGN non-polymer 'D-chiro inositol hexakisphosphate' 'C6 H18 O24 P6'
MG non-polymer 'MAGNESIUM ION' 'Mg 2'
ZN non-polymer 'ZINC ION' 'Zn 2'
#
# COMPACT_ATOMS: atom_id res chain seq x y z
N GLU A 13 24.70 -54.68 27.72
CA GLU A 13 25.11 -53.31 27.42
C GLU A 13 26.46 -53.29 26.70
N VAL A 14 26.66 -52.28 25.84
CA VAL A 14 27.92 -52.06 25.13
C VAL A 14 28.22 -50.57 25.12
N LEU A 15 29.49 -50.24 24.85
CA LEU A 15 30.00 -48.89 24.93
C LEU A 15 30.26 -48.33 23.55
N PHE A 16 29.79 -47.10 23.33
CA PHE A 16 29.90 -46.42 22.06
C PHE A 16 30.43 -45.03 22.32
N GLN A 17 31.10 -44.47 21.31
CA GLN A 17 31.54 -43.09 21.35
C GLN A 17 30.49 -42.21 22.00
N GLY A 18 30.92 -41.16 22.69
CA GLY A 18 30.01 -40.12 23.05
C GLY A 18 29.43 -39.52 21.80
N PRO A 19 28.48 -38.59 21.93
CA PRO A 19 27.82 -38.05 20.75
C PRO A 19 28.76 -37.09 20.02
N MET A 20 28.60 -37.00 18.70
CA MET A 20 29.48 -36.13 17.95
C MET A 20 28.73 -35.54 16.74
N GLU A 21 29.02 -34.28 16.46
CA GLU A 21 28.50 -33.63 15.27
C GLU A 21 28.85 -34.44 14.03
N MET A 22 27.83 -34.98 13.35
CA MET A 22 28.02 -35.69 12.10
C MET A 22 28.83 -34.85 11.13
N ILE A 23 29.64 -35.52 10.33
CA ILE A 23 30.46 -34.82 9.35
C ILE A 23 30.42 -35.63 8.06
N LEU A 24 30.25 -34.92 6.95
CA LEU A 24 30.06 -35.55 5.65
C LEU A 24 31.44 -35.68 5.01
N GLU A 25 31.97 -36.90 5.01
CA GLU A 25 33.31 -37.17 4.52
C GLU A 25 33.32 -37.28 2.99
N GLU A 26 34.53 -37.14 2.41
CA GLU A 26 34.70 -37.16 0.96
C GLU A 26 34.19 -38.44 0.33
N LYS A 27 33.47 -39.26 1.10
CA LYS A 27 32.93 -40.51 0.58
C LYS A 27 31.42 -40.51 0.47
N ASP A 28 30.73 -39.64 1.21
CA ASP A 28 29.28 -39.65 1.18
C ASP A 28 28.72 -38.98 -0.08
N ALA A 29 29.58 -38.36 -0.89
CA ALA A 29 29.13 -37.55 -2.02
C ALA A 29 28.27 -38.36 -2.99
N SER A 30 28.74 -39.55 -3.40
CA SER A 30 28.00 -40.36 -4.36
C SER A 30 26.57 -40.66 -3.91
N ASP A 31 26.16 -40.24 -2.70
CA ASP A 31 24.80 -40.38 -2.22
C ASP A 31 23.88 -39.25 -2.70
N TRP A 32 24.43 -38.18 -3.27
CA TRP A 32 23.60 -37.05 -3.66
C TRP A 32 23.63 -36.87 -5.18
N ILE A 33 22.55 -36.25 -5.68
CA ILE A 33 22.24 -36.12 -7.09
C ILE A 33 21.85 -34.68 -7.35
N TYR A 34 22.12 -34.20 -8.57
CA TYR A 34 21.79 -32.81 -8.86
C TYR A 34 20.29 -32.62 -8.78
N ARG A 35 19.89 -31.57 -8.06
CA ARG A 35 18.50 -31.20 -8.02
C ARG A 35 18.35 -29.99 -8.91
N GLY A 36 18.45 -28.80 -8.34
CA GLY A 36 18.36 -27.59 -9.11
C GLY A 36 19.34 -26.60 -8.55
N GLU A 37 19.15 -25.32 -8.79
CA GLU A 37 20.02 -24.35 -8.14
C GLU A 37 19.57 -22.96 -8.53
N GLY A 38 19.84 -21.99 -7.66
CA GLY A 38 19.60 -20.61 -7.94
C GLY A 38 20.90 -19.84 -8.11
N GLY A 39 20.82 -18.52 -7.97
CA GLY A 39 22.01 -17.70 -8.00
C GLY A 39 22.88 -17.87 -6.78
N ALA A 40 22.32 -18.38 -5.68
CA ALA A 40 22.97 -18.36 -4.39
C ALA A 40 23.28 -19.72 -3.81
N ASN A 41 22.59 -20.78 -4.23
CA ASN A 41 22.78 -22.08 -3.58
C ASN A 41 22.71 -23.22 -4.60
N LEU A 42 23.39 -24.30 -4.25
CA LEU A 42 23.19 -25.59 -4.87
C LEU A 42 22.14 -26.35 -4.09
N VAL A 43 21.44 -27.25 -4.76
CA VAL A 43 20.56 -28.18 -4.06
C VAL A 43 20.65 -29.54 -4.74
N LEU A 44 20.95 -30.57 -3.96
CA LEU A 44 21.00 -31.93 -4.42
C LEU A 44 20.03 -32.73 -3.58
N ALA A 45 19.29 -33.63 -4.22
CA ALA A 45 18.40 -34.56 -3.53
C ALA A 45 19.17 -35.83 -3.15
N TYR A 46 18.60 -36.62 -2.25
CA TYR A 46 19.27 -37.77 -1.66
C TYR A 46 18.96 -39.09 -2.37
N ALA A 47 20.01 -39.80 -2.77
CA ALA A 47 19.88 -41.05 -3.51
C ALA A 47 20.31 -42.28 -2.72
N GLY A 48 21.17 -42.12 -1.73
CA GLY A 48 21.62 -43.21 -0.89
C GLY A 48 20.52 -43.72 0.04
N SER A 49 20.94 -44.52 1.02
CA SER A 49 20.00 -45.30 1.82
C SER A 49 19.97 -44.94 3.31
N SER A 50 20.98 -44.25 3.83
CA SER A 50 21.04 -43.87 5.24
C SER A 50 19.69 -43.30 5.68
N PRO A 51 19.04 -43.85 6.72
CA PRO A 51 17.71 -43.33 7.11
C PRO A 51 17.71 -41.84 7.39
N LEU A 52 18.74 -41.33 8.07
CA LEU A 52 18.79 -39.91 8.39
C LEU A 52 18.47 -39.04 7.19
N PHE A 53 19.22 -39.25 6.09
CA PHE A 53 19.15 -38.35 4.93
C PHE A 53 18.07 -38.73 3.93
N VAL A 54 17.39 -39.86 4.12
CA VAL A 54 16.35 -40.28 3.19
C VAL A 54 15.18 -39.31 3.25
N GLY A 55 14.63 -38.98 2.09
CA GLY A 55 13.65 -37.91 2.04
C GLY A 55 14.18 -36.51 2.30
N LYS A 56 15.51 -36.30 2.24
CA LYS A 56 16.13 -35.00 2.46
C LYS A 56 16.94 -34.58 1.24
N VAL A 57 17.28 -33.28 1.19
CA VAL A 57 18.17 -32.71 0.18
C VAL A 57 19.23 -31.90 0.90
N ILE A 58 20.40 -31.79 0.30
CA ILE A 58 21.43 -30.91 0.86
C ILE A 58 21.45 -29.61 0.07
N ARG A 59 21.46 -28.50 0.78
CA ARG A 59 21.53 -27.18 0.16
C ARG A 59 22.93 -26.63 0.42
N ILE A 60 23.75 -26.58 -0.63
CA ILE A 60 25.18 -26.30 -0.53
C ILE A 60 25.46 -24.95 -1.15
N GLN A 61 26.13 -24.08 -0.43
CA GLN A 61 26.40 -22.75 -0.96
C GLN A 61 27.52 -22.78 -2.00
N LYS A 62 27.45 -21.84 -2.93
CA LYS A 62 28.47 -21.63 -3.94
C LYS A 62 28.99 -20.20 -3.88
N ALA A 63 30.03 -19.92 -4.65
CA ALA A 63 30.69 -18.62 -4.62
C ALA A 63 30.79 -18.09 -6.03
N ARG A 64 30.16 -16.95 -6.28
CA ARG A 64 30.50 -16.19 -7.48
C ARG A 64 32.01 -15.96 -7.51
N ARG A 65 32.65 -16.46 -8.58
CA ARG A 65 34.10 -16.50 -8.81
C ARG A 65 34.78 -15.09 -8.78
N ASN A 66 34.11 -13.98 -8.42
CA ASN A 66 34.72 -12.70 -8.07
C ASN A 66 34.59 -12.43 -6.56
N ASP A 67 34.73 -13.47 -5.74
CA ASP A 67 34.66 -13.36 -4.29
C ASP A 67 36.06 -13.44 -3.67
N SER A 78 32.89 -12.24 10.29
CA SER A 78 32.85 -12.20 8.83
C SER A 78 31.40 -12.31 8.28
N VAL A 79 30.59 -13.18 8.90
CA VAL A 79 29.21 -13.45 8.53
C VAL A 79 28.51 -12.17 8.10
N LEU A 80 28.40 -11.23 9.01
CA LEU A 80 27.59 -10.03 8.85
C LEU A 80 28.50 -8.83 8.93
N THR A 81 28.31 -7.90 8.02
CA THR A 81 29.09 -6.69 8.04
C THR A 81 28.71 -5.87 9.27
N SER A 82 29.54 -4.89 9.57
CA SER A 82 29.33 -4.09 10.77
C SER A 82 27.95 -3.47 10.74
N ASP A 83 27.53 -2.95 9.58
CA ASP A 83 26.22 -2.33 9.45
C ASP A 83 25.10 -3.35 9.45
N GLU A 84 25.41 -4.62 9.11
CA GLU A 84 24.40 -5.67 9.13
C GLU A 84 24.17 -6.17 10.53
N GLN A 85 25.25 -6.19 11.32
CA GLN A 85 25.14 -6.40 12.75
C GLN A 85 24.22 -5.37 13.38
N HIS A 86 24.49 -4.08 13.16
CA HIS A 86 23.59 -3.10 13.76
C HIS A 86 22.18 -3.23 13.21
N LEU A 87 22.04 -3.63 11.95
CA LEU A 87 20.73 -3.65 11.31
C LEU A 87 19.84 -4.73 11.92
N TRP A 88 20.37 -5.94 12.05
CA TRP A 88 19.67 -7.08 12.64
C TRP A 88 19.90 -7.20 14.12
N ARG A 89 20.40 -6.13 14.76
CA ARG A 89 20.82 -6.20 16.15
C ARG A 89 19.71 -6.59 17.09
N GLU A 90 18.46 -6.36 16.72
CA GLU A 90 17.31 -6.74 17.55
C GLU A 90 17.28 -8.24 17.86
N ASN A 91 18.35 -8.98 17.56
CA ASN A 91 18.43 -10.40 17.95
C ASN A 91 19.89 -10.81 18.11
N ASN A 92 20.34 -10.91 19.37
CA ASN A 92 21.73 -11.20 19.68
C ASN A 92 22.16 -12.55 19.10
N GLU A 93 21.26 -13.54 19.12
CA GLU A 93 21.59 -14.85 18.57
C GLU A 93 21.74 -14.80 17.06
N LEU A 94 20.99 -13.93 16.37
CA LEU A 94 21.08 -13.83 14.93
C LEU A 94 22.43 -13.26 14.51
N ILE A 95 22.72 -12.01 14.88
CA ILE A 95 23.93 -11.34 14.41
C ILE A 95 25.18 -12.11 14.83
N SER A 96 25.15 -12.78 15.99
CA SER A 96 26.31 -13.55 16.45
C SER A 96 26.29 -14.96 15.86
N SER A 97 26.05 -15.01 14.55
CA SER A 97 26.07 -16.28 13.86
C SER A 97 27.51 -16.58 13.45
N PRO A 98 28.09 -17.72 13.88
CA PRO A 98 29.38 -18.16 13.34
C PRO A 98 29.47 -18.09 11.83
N ASN A 99 28.83 -19.01 11.08
CA ASN A 99 28.82 -19.04 9.62
C ASN A 99 27.39 -19.00 9.05
N LYS A 100 27.29 -19.01 7.72
CA LYS A 100 26.02 -18.63 7.10
C LYS A 100 24.93 -19.70 7.22
N GLU A 101 25.25 -20.90 7.66
CA GLU A 101 24.18 -21.85 7.91
C GLU A 101 23.41 -21.51 9.19
N VAL A 102 24.12 -21.16 10.26
CA VAL A 102 23.45 -20.69 11.47
C VAL A 102 22.67 -19.41 11.20
N LEU A 103 23.29 -18.48 10.46
CA LEU A 103 22.58 -17.28 10.03
C LEU A 103 21.29 -17.64 9.30
N GLU A 104 21.41 -18.46 8.25
CA GLU A 104 20.25 -19.00 7.55
C GLU A 104 19.24 -19.62 8.53
N GLN A 105 19.71 -20.47 9.43
CA GLN A 105 18.83 -21.05 10.44
C GLN A 105 18.19 -19.96 11.31
N ARG A 106 19.01 -19.15 11.98
CA ARG A 106 18.43 -18.19 12.91
C ARG A 106 17.54 -17.19 12.20
N TYR A 107 17.82 -16.88 10.93
CA TYR A 107 17.03 -15.89 10.22
C TYR A 107 15.63 -16.42 9.89
N VAL A 108 15.54 -17.67 9.45
CA VAL A 108 14.23 -18.28 9.26
C VAL A 108 13.54 -18.37 10.60
N GLN A 109 14.31 -18.68 11.65
CA GLN A 109 13.79 -19.14 12.92
C GLN A 109 13.25 -18.01 13.77
N ASN A 110 13.99 -16.90 13.84
CA ASN A 110 13.61 -15.81 14.71
C ASN A 110 13.08 -14.59 13.99
N VAL A 111 13.11 -14.57 12.66
CA VAL A 111 12.62 -13.46 11.86
C VAL A 111 11.45 -13.86 10.98
N ILE A 112 11.63 -14.91 10.18
CA ILE A 112 10.65 -15.21 9.14
C ILE A 112 9.43 -15.89 9.73
N ILE A 113 9.64 -16.98 10.47
CA ILE A 113 8.50 -17.72 11.02
C ILE A 113 7.66 -16.83 11.91
N PRO A 114 8.21 -15.90 12.67
CA PRO A 114 7.34 -14.96 13.38
C PRO A 114 6.32 -14.29 12.48
N LEU A 115 6.69 -13.92 11.27
CA LEU A 115 5.77 -13.24 10.34
C LEU A 115 4.92 -14.22 9.53
N LEU A 116 5.46 -15.40 9.25
CA LEU A 116 4.93 -16.33 8.26
C LEU A 116 4.20 -17.52 8.86
N GLY A 117 4.49 -17.87 10.12
CA GLY A 117 3.90 -19.02 10.77
C GLY A 117 4.72 -20.26 10.48
N PRO A 118 4.87 -21.13 11.47
CA PRO A 118 5.71 -22.33 11.27
C PRO A 118 5.09 -23.37 10.35
N LYS A 119 3.80 -23.23 10.00
CA LYS A 119 3.08 -24.32 9.34
C LYS A 119 3.69 -24.65 7.99
N HIS A 120 4.03 -23.62 7.20
CA HIS A 120 4.47 -23.81 5.83
C HIS A 120 5.95 -23.54 5.63
N VAL A 121 6.70 -23.45 6.72
CA VAL A 121 8.16 -23.44 6.67
C VAL A 121 8.65 -24.68 7.40
N ASP A 122 9.70 -25.30 6.89
CA ASP A 122 10.31 -26.42 7.58
C ASP A 122 11.78 -26.12 7.78
N ALA A 123 12.08 -24.98 8.42
CA ALA A 123 13.45 -24.51 8.71
C ALA A 123 14.45 -25.64 8.92
N GLY A 124 15.74 -25.32 8.81
CA GLY A 124 16.72 -26.32 8.43
C GLY A 124 17.65 -26.81 9.54
N VAL A 125 18.32 -27.92 9.22
CA VAL A 125 19.28 -28.58 10.09
C VAL A 125 20.68 -28.48 9.46
N ARG A 126 21.68 -28.11 10.28
CA ARG A 126 23.07 -28.04 9.84
C ARG A 126 23.69 -29.43 9.74
N VAL A 127 24.69 -29.54 8.87
CA VAL A 127 25.56 -30.70 8.81
C VAL A 127 26.94 -30.20 8.50
N SER A 128 27.93 -30.66 9.27
CA SER A 128 29.31 -30.36 8.92
C SER A 128 29.66 -31.11 7.64
N VAL A 129 30.63 -30.57 6.90
CA VAL A 129 31.06 -31.17 5.65
C VAL A 129 32.53 -30.87 5.45
N SER A 130 33.25 -31.84 4.88
CA SER A 130 34.67 -31.69 4.60
C SER A 130 34.89 -31.01 3.25
N LYS A 131 35.80 -30.03 3.24
CA LYS A 131 36.24 -29.41 1.99
C LYS A 131 36.40 -30.46 0.88
N GLU A 132 36.79 -31.68 1.23
CA GLU A 132 36.88 -32.73 0.21
C GLU A 132 35.50 -33.12 -0.29
N PHE A 133 34.51 -33.24 0.61
CA PHE A 133 33.16 -33.64 0.22
C PHE A 133 32.56 -32.68 -0.77
N LEU A 134 32.66 -31.39 -0.46
CA LEU A 134 32.19 -30.37 -1.38
C LEU A 134 32.75 -30.56 -2.77
N GLU A 135 34.08 -30.50 -2.89
CA GLU A 135 34.74 -30.70 -4.19
C GLU A 135 34.19 -31.92 -4.91
N CYS A 136 33.83 -32.97 -4.18
CA CYS A 136 33.30 -34.16 -4.81
C CYS A 136 31.93 -33.89 -5.40
N VAL A 137 31.04 -33.28 -4.63
CA VAL A 137 29.75 -32.86 -5.16
C VAL A 137 29.95 -31.93 -6.34
N ASP A 138 30.88 -30.97 -6.23
CA ASP A 138 31.10 -29.98 -7.28
C ASP A 138 31.38 -30.63 -8.63
N LYS A 139 32.28 -31.63 -8.66
CA LYS A 139 32.53 -32.39 -9.87
C LYS A 139 31.29 -33.15 -10.33
N LYS A 140 30.55 -33.74 -9.38
CA LYS A 140 29.47 -34.66 -9.69
C LYS A 140 28.28 -34.01 -10.39
N VAL A 141 28.11 -32.70 -10.26
CA VAL A 141 26.96 -32.01 -10.81
C VAL A 141 27.28 -31.31 -12.11
N THR A 142 28.49 -30.78 -12.24
CA THR A 142 28.88 -29.97 -13.40
C THR A 142 28.24 -30.46 -14.71
N LYS A 143 28.12 -31.77 -14.90
CA LYS A 143 27.44 -32.29 -16.09
C LYS A 143 26.01 -31.75 -16.18
N GLN A 144 25.21 -31.99 -15.14
CA GLN A 144 23.81 -31.62 -15.15
C GLN A 144 23.58 -30.11 -15.04
N ARG A 145 24.63 -29.33 -14.73
CA ARG A 145 24.48 -27.90 -14.51
C ARG A 145 24.47 -27.12 -15.82
N PRO A 146 23.79 -25.98 -15.85
CA PRO A 146 23.69 -25.21 -17.09
C PRO A 146 24.97 -24.45 -17.35
N LEU A 147 25.49 -24.57 -18.58
CA LEU A 147 26.76 -23.94 -18.97
C LEU A 147 27.05 -22.63 -18.23
N TRP A 148 26.15 -21.65 -18.29
CA TRP A 148 26.42 -20.32 -17.73
C TRP A 148 26.36 -20.30 -16.20
N ARG A 149 25.67 -21.25 -15.59
CA ARG A 149 25.82 -21.42 -14.15
C ARG A 149 27.21 -21.97 -13.79
N VAL A 150 27.79 -22.81 -14.64
CA VAL A 150 29.14 -23.31 -14.39
C VAL A 150 30.15 -22.20 -14.59
N ASN A 151 29.94 -21.35 -15.61
CA ASN A 151 30.84 -20.23 -15.87
C ASN A 151 30.86 -19.23 -14.72
N ALA A 152 29.75 -19.12 -13.98
CA ALA A 152 29.55 -18.02 -13.03
C ALA A 152 29.76 -18.40 -11.57
N ALA A 153 29.76 -19.69 -11.23
CA ALA A 153 29.93 -20.17 -9.85
C ALA A 153 30.17 -21.68 -9.74
N ASN A 154 31.34 -22.06 -9.22
CA ASN A 154 31.57 -23.40 -8.70
C ASN A 154 31.03 -23.48 -7.28
N VAL A 155 31.13 -24.65 -6.68
CA VAL A 155 30.70 -24.77 -5.29
C VAL A 155 31.76 -24.18 -4.39
N ASP A 156 31.30 -23.42 -3.40
CA ASP A 156 32.16 -22.78 -2.39
C ASP A 156 32.71 -23.86 -1.48
N THR A 157 33.97 -24.26 -1.72
CA THR A 157 34.60 -25.38 -1.00
C THR A 157 35.31 -24.96 0.27
N SER A 158 34.92 -23.84 0.89
CA SER A 158 35.45 -23.50 2.20
C SER A 158 34.37 -23.16 3.24
N HIS A 159 33.12 -23.59 3.07
CA HIS A 159 32.26 -23.73 4.24
C HIS A 159 32.56 -25.06 4.91
N ASP A 160 32.56 -25.05 6.24
CA ASP A 160 32.53 -26.30 6.96
C ASP A 160 31.14 -26.93 6.94
N SER A 161 30.09 -26.14 6.74
CA SER A 161 28.71 -26.54 6.95
C SER A 161 27.91 -26.58 5.65
N ALA A 162 26.72 -27.19 5.74
CA ALA A 162 25.67 -27.11 4.74
C ALA A 162 24.35 -27.44 5.42
N LEU A 163 23.26 -27.11 4.75
CA LEU A 163 21.92 -27.29 5.30
C LEU A 163 21.27 -28.52 4.71
N ILE A 164 20.59 -29.29 5.55
CA ILE A 164 19.75 -30.41 5.08
C ILE A 164 18.31 -29.99 5.29
N LEU A 165 17.50 -30.10 4.24
CA LEU A 165 16.07 -29.82 4.32
C LEU A 165 15.26 -31.03 3.89
N ASN A 166 14.03 -31.12 4.40
CA ASN A 166 13.03 -32.03 3.83
C ASN A 166 12.83 -31.73 2.36
N ASP A 167 12.85 -32.78 1.52
CA ASP A 167 12.61 -32.61 0.09
C ASP A 167 11.12 -32.41 -0.17
N HIS A 168 10.75 -31.16 -0.45
CA HIS A 168 9.39 -30.70 -0.55
C HIS A 168 8.75 -31.11 -1.88
N SER A 169 9.25 -32.20 -2.47
CA SER A 169 8.57 -32.85 -3.59
C SER A 169 8.30 -34.32 -3.28
N LEU A 170 8.25 -34.69 -1.98
CA LEU A 170 8.11 -36.08 -1.53
C LEU A 170 7.01 -36.29 -0.49
N PHE A 171 7.04 -37.42 0.21
CA PHE A 171 5.90 -37.87 1.01
C PHE A 171 6.28 -38.92 2.09
N ASP A 180 3.03 -42.55 -6.45
CA ASP A 180 3.66 -41.42 -7.16
C ASP A 180 3.28 -40.06 -6.53
N CYS A 181 4.25 -39.13 -6.52
CA CYS A 181 4.09 -37.80 -5.92
C CYS A 181 4.42 -36.72 -6.94
N ILE A 182 3.42 -35.92 -7.33
CA ILE A 182 3.60 -34.81 -8.26
C ILE A 182 3.65 -33.49 -7.49
N SER A 183 4.78 -32.81 -7.58
CA SER A 183 5.03 -31.59 -6.82
C SER A 183 5.37 -30.47 -7.79
N VAL A 184 4.76 -29.30 -7.58
CA VAL A 184 4.92 -28.15 -8.45
C VAL A 184 5.48 -26.98 -7.65
N GLU A 185 6.40 -26.23 -8.27
CA GLU A 185 7.07 -25.12 -7.61
C GLU A 185 6.74 -23.82 -8.33
N ILE A 186 6.35 -22.81 -7.56
CA ILE A 186 5.95 -21.52 -8.10
C ILE A 186 6.79 -20.48 -7.40
N LYS A 187 7.63 -19.78 -8.15
CA LYS A 187 8.31 -18.61 -7.63
C LYS A 187 7.44 -17.40 -7.94
N PRO A 188 6.58 -16.96 -7.03
CA PRO A 188 5.56 -15.97 -7.40
C PRO A 188 6.10 -14.60 -7.79
N LYS A 189 7.20 -14.15 -7.17
CA LYS A 189 7.67 -12.77 -7.30
C LYS A 189 6.69 -11.80 -6.65
N CYS A 190 7.02 -10.51 -6.67
CA CYS A 190 6.21 -9.50 -5.99
C CYS A 190 4.88 -9.35 -6.69
N GLY A 191 3.82 -9.48 -5.92
CA GLY A 191 2.48 -9.37 -6.48
C GLY A 191 1.70 -8.21 -5.94
N PHE A 192 2.33 -7.03 -5.90
CA PHE A 192 1.62 -5.82 -5.55
C PHE A 192 2.30 -4.64 -6.23
N LEU A 193 1.58 -3.52 -6.35
CA LEU A 193 2.18 -2.39 -7.00
C LEU A 193 2.42 -1.28 -5.99
N PRO A 194 3.55 -0.57 -6.05
CA PRO A 194 3.85 0.41 -5.01
C PRO A 194 2.96 1.63 -5.13
N THR A 195 2.95 2.43 -4.05
CA THR A 195 2.20 3.68 -4.02
C THR A 195 3.00 4.80 -3.38
N SER A 196 4.25 4.55 -3.01
CA SER A 196 5.17 5.55 -2.46
C SER A 196 5.00 6.93 -3.09
N ARG A 197 4.93 7.95 -2.22
CA ARG A 197 5.00 9.33 -2.69
C ARG A 197 6.39 9.67 -3.25
N PHE A 198 7.35 8.75 -3.19
CA PHE A 198 8.70 9.00 -3.65
C PHE A 198 8.97 8.47 -5.03
N ILE A 199 8.03 7.75 -5.63
CA ILE A 199 8.17 7.43 -7.04
C ILE A 199 7.94 8.70 -7.84
N GLY A 200 8.78 8.95 -8.84
CA GLY A 200 8.70 10.18 -9.58
C GLY A 200 7.66 10.15 -10.71
N LYS A 201 7.15 11.33 -11.05
CA LYS A 201 6.24 11.42 -12.20
C LYS A 201 6.75 10.55 -13.35
N GLU A 202 8.01 10.74 -13.74
CA GLU A 202 8.57 9.99 -14.86
C GLU A 202 8.40 8.49 -14.69
N ASN A 203 8.63 8.00 -13.48
CA ASN A 203 8.44 6.59 -13.16
C ASN A 203 7.01 6.29 -12.77
N MET A 204 6.05 7.01 -13.35
CA MET A 204 4.63 6.83 -13.02
C MET A 204 4.13 5.43 -13.34
N LEU A 205 4.71 4.78 -14.34
CA LEU A 205 4.24 3.44 -14.68
C LEU A 205 4.32 2.50 -13.50
N LYS A 206 5.41 2.58 -12.72
CA LYS A 206 5.67 1.67 -11.59
C LYS A 206 4.45 1.46 -10.69
N THR A 207 3.50 2.39 -10.69
CA THR A 207 2.32 2.29 -9.85
C THR A 207 1.12 1.75 -10.58
N SER A 208 1.26 1.39 -11.84
CA SER A 208 0.18 0.71 -12.52
C SER A 208 0.61 -0.55 -13.25
N VAL A 209 1.91 -0.77 -13.48
CA VAL A 209 2.42 -2.01 -14.08
C VAL A 209 3.30 -2.74 -13.06
N SER A 210 2.97 -3.99 -12.78
CA SER A 210 3.82 -4.83 -11.94
C SER A 210 5.24 -4.73 -12.41
N ARG A 211 6.18 -4.69 -11.46
CA ARG A 211 7.57 -4.70 -11.86
C ARG A 211 7.89 -5.96 -12.63
N PHE A 212 7.20 -7.07 -12.36
CA PHE A 212 7.52 -8.31 -13.08
C PHE A 212 7.34 -8.13 -14.58
N LYS A 213 6.22 -7.55 -15.02
CA LYS A 213 5.98 -7.38 -16.45
C LYS A 213 7.03 -6.47 -17.08
N MET A 214 7.28 -5.30 -16.49
CA MET A 214 8.31 -4.42 -17.01
C MET A 214 9.64 -5.14 -17.04
N HIS A 215 9.98 -5.82 -15.96
CA HIS A 215 11.24 -6.53 -15.89
C HIS A 215 11.43 -7.38 -17.13
N GLN A 216 10.41 -8.17 -17.47
CA GLN A 216 10.46 -9.03 -18.65
C GLN A 216 11.04 -8.32 -19.87
N LEU A 217 10.62 -7.08 -20.12
CA LEU A 217 11.16 -6.33 -21.25
C LEU A 217 12.67 -6.21 -21.13
N LEU A 218 13.15 -5.87 -19.93
CA LEU A 218 14.59 -5.75 -19.73
C LEU A 218 15.24 -7.12 -19.85
N LYS A 219 14.58 -8.18 -19.38
CA LYS A 219 15.14 -9.51 -19.52
C LYS A 219 15.20 -9.93 -20.98
N LEU A 220 14.30 -9.41 -21.82
CA LEU A 220 14.28 -9.78 -23.23
C LEU A 220 15.41 -9.11 -23.98
N GLU A 221 15.57 -7.82 -23.79
CA GLU A 221 16.71 -7.12 -24.37
C GLU A 221 18.03 -7.81 -24.03
N TYR A 222 18.15 -8.37 -22.83
CA TYR A 222 19.41 -9.00 -22.46
C TYR A 222 19.44 -10.48 -22.80
N ILE A 223 18.50 -10.95 -23.59
CA ILE A 223 18.53 -12.30 -24.17
C ILE A 223 18.39 -13.37 -23.08
N GLU A 224 17.89 -13.01 -21.90
CA GLU A 224 17.80 -13.99 -20.83
C GLU A 224 16.55 -14.84 -20.92
N ILE A 225 15.56 -14.42 -21.70
CA ILE A 225 14.43 -15.24 -22.14
C ILE A 225 14.23 -15.04 -23.64
N SER A 226 13.30 -15.79 -24.19
CA SER A 226 12.96 -15.68 -25.60
C SER A 226 11.61 -15.03 -25.83
N GLU A 227 10.73 -15.08 -24.84
CA GLU A 227 9.30 -14.78 -24.97
C GLU A 227 8.86 -14.08 -23.68
N GLU A 228 8.40 -12.84 -23.78
CA GLU A 228 7.71 -12.25 -22.64
C GLU A 228 6.72 -13.24 -22.05
N SER A 229 6.74 -13.39 -20.73
CA SER A 229 5.97 -14.44 -20.05
C SER A 229 4.53 -14.02 -19.86
N GLU A 230 3.62 -14.97 -20.08
CA GLU A 230 2.19 -14.68 -19.87
C GLU A 230 1.87 -14.35 -18.41
N TYR A 231 2.63 -14.91 -17.46
CA TYR A 231 2.33 -14.78 -16.04
C TYR A 231 2.36 -13.33 -15.58
N ASP A 232 1.38 -12.95 -14.76
CA ASP A 232 1.42 -11.69 -14.02
C ASP A 232 1.14 -11.96 -12.55
N PRO A 233 2.14 -11.82 -11.67
CA PRO A 233 1.90 -12.16 -10.25
C PRO A 233 0.69 -11.46 -9.64
N LEU A 234 0.19 -10.37 -10.25
CA LEU A 234 -1.05 -9.78 -9.73
C LEU A 234 -2.19 -10.78 -9.79
N ASP A 235 -2.27 -11.58 -10.86
CA ASP A 235 -3.28 -12.62 -10.89
C ASP A 235 -3.13 -13.58 -9.73
N LEU A 236 -1.90 -13.96 -9.39
CA LEU A 236 -1.69 -14.88 -8.28
C LEU A 236 -2.06 -14.23 -6.94
N PHE A 237 -1.57 -13.03 -6.69
CA PHE A 237 -1.82 -12.37 -5.43
C PHE A 237 -3.11 -11.55 -5.42
N SER A 238 -4.03 -11.85 -6.34
CA SER A 238 -5.26 -11.06 -6.41
C SER A 238 -6.25 -11.47 -5.33
N GLY A 239 -6.30 -12.76 -5.01
CA GLY A 239 -7.36 -13.28 -4.18
C GLY A 239 -8.60 -13.67 -4.93
N SER A 240 -8.57 -13.64 -6.29
CA SER A 240 -9.65 -14.13 -7.17
C SER A 240 -9.37 -15.58 -7.63
N LYS A 241 -10.13 -16.53 -7.07
CA LYS A 241 -10.02 -17.94 -7.42
C LYS A 241 -9.98 -18.13 -8.92
N GLU A 242 -10.41 -17.10 -9.66
CA GLU A 242 -10.42 -17.11 -11.12
C GLU A 242 -9.21 -16.41 -11.75
N ARG A 243 -8.67 -15.37 -11.10
CA ARG A 243 -7.41 -14.80 -11.59
C ARG A 243 -6.22 -15.71 -11.30
N VAL A 244 -6.31 -16.49 -10.21
CA VAL A 244 -5.25 -17.42 -9.84
C VAL A 244 -5.12 -18.54 -10.87
N LEU A 245 -6.24 -19.13 -11.29
CA LEU A 245 -6.15 -20.19 -12.28
C LEU A 245 -5.58 -19.67 -13.59
N GLU A 246 -5.93 -18.43 -13.96
CA GLU A 246 -5.23 -17.80 -15.07
C GLU A 246 -3.72 -17.78 -14.82
N ALA A 247 -3.30 -17.31 -13.64
CA ALA A 247 -1.88 -17.30 -13.31
C ALA A 247 -1.26 -18.68 -13.47
N ILE A 248 -1.85 -19.69 -12.83
CA ILE A 248 -1.33 -21.06 -12.96
C ILE A 248 -1.40 -21.53 -14.42
N LYS A 249 -2.44 -21.13 -15.14
CA LYS A 249 -2.50 -21.42 -16.57
C LYS A 249 -1.36 -20.71 -17.31
N ALA A 250 -1.24 -19.39 -17.13
CA ALA A 250 -0.09 -18.67 -17.68
C ALA A 250 1.22 -19.42 -17.40
N LEU A 251 1.48 -19.75 -16.14
CA LEU A 251 2.77 -20.37 -15.79
C LEU A 251 3.05 -21.59 -16.64
N TYR A 252 2.21 -22.63 -16.55
CA TYR A 252 2.39 -23.80 -17.39
C TYR A 252 2.68 -23.42 -18.83
N SER A 253 2.05 -22.34 -19.33
CA SER A 253 2.27 -21.89 -20.70
C SER A 253 3.70 -21.40 -20.92
N THR A 254 4.10 -20.34 -20.19
CA THR A 254 5.44 -19.77 -20.23
C THR A 254 6.16 -20.00 -18.91
N PRO A 255 6.63 -21.22 -18.63
CA PRO A 255 7.18 -21.52 -17.28
C PRO A 255 8.37 -20.67 -16.89
N GLN A 256 9.18 -20.21 -17.84
CA GLN A 256 10.47 -19.57 -17.55
C GLN A 256 11.15 -20.27 -16.37
N ASN A 257 11.45 -19.50 -15.33
CA ASN A 257 12.09 -20.03 -14.13
C ASN A 257 11.20 -19.81 -12.90
N ASN A 258 9.89 -19.75 -13.13
CA ASN A 258 8.90 -19.56 -12.08
C ASN A 258 7.98 -20.76 -11.91
N PHE A 259 8.09 -21.77 -12.77
CA PHE A 259 7.16 -22.89 -12.75
C PHE A 259 7.97 -24.16 -12.97
N ARG A 260 7.70 -25.14 -12.12
CA ARG A 260 8.35 -26.43 -12.25
C ARG A 260 7.38 -27.48 -11.74
N VAL A 261 7.40 -28.63 -12.40
CA VAL A 261 6.58 -29.75 -12.05
C VAL A 261 7.46 -30.99 -12.04
N PHE A 262 7.41 -31.75 -10.94
CA PHE A 262 8.28 -32.88 -10.69
C PHE A 262 7.45 -34.15 -10.57
N LEU A 263 8.10 -35.28 -10.86
CA LEU A 263 7.51 -36.62 -10.72
C LEU A 263 8.47 -37.43 -9.85
N ASN A 264 8.37 -37.25 -8.53
CA ASN A 264 9.19 -38.05 -7.64
C ASN A 264 10.63 -37.58 -7.71
N GLY A 265 10.87 -36.30 -7.46
CA GLY A 265 12.23 -35.79 -7.52
C GLY A 265 12.80 -35.58 -8.90
N SER A 266 11.99 -35.59 -9.96
CA SER A 266 12.49 -35.37 -11.31
C SER A 266 11.73 -34.25 -12.01
N LEU A 267 12.43 -33.55 -12.90
CA LEU A 267 11.76 -32.51 -13.67
C LEU A 267 10.97 -33.17 -14.79
N ILE A 268 9.83 -32.58 -15.12
CA ILE A 268 9.02 -33.05 -16.23
C ILE A 268 8.44 -31.84 -16.94
N LEU A 269 8.34 -30.71 -16.23
CA LEU A 269 8.02 -29.41 -16.82
C LEU A 269 8.84 -28.37 -16.09
N GLY A 270 9.44 -27.45 -16.83
CA GLY A 270 10.30 -26.43 -16.27
C GLY A 270 11.74 -26.59 -16.70
N GLY A 271 12.57 -25.66 -16.25
CA GLY A 271 14.00 -25.67 -16.52
C GLY A 271 14.79 -26.08 -15.29
N SER A 272 15.76 -26.99 -15.48
CA SER A 272 16.62 -27.43 -14.38
C SER A 272 17.73 -26.42 -14.13
N GLY A 273 17.80 -25.90 -12.91
CA GLY A 273 18.80 -24.90 -12.54
C GLY A 273 18.81 -23.62 -13.36
N GLU A 274 17.78 -23.43 -14.20
CA GLU A 274 17.72 -22.28 -15.10
C GLU A 274 16.31 -22.11 -15.59
N SER A 275 16.11 -21.02 -16.34
CA SER A 275 14.85 -20.69 -17.00
C SER A 275 14.80 -21.35 -18.38
N THR A 276 13.57 -21.50 -18.90
CA THR A 276 13.30 -22.34 -20.06
C THR A 276 12.21 -21.73 -20.93
N GLY A 277 12.32 -21.95 -22.24
CA GLY A 277 11.42 -21.31 -23.19
C GLY A 277 9.99 -21.85 -23.10
N ARG A 278 9.05 -20.97 -23.43
CA ARG A 278 7.63 -21.29 -23.57
C ARG A 278 7.39 -22.76 -23.89
N THR A 279 6.41 -23.38 -23.22
CA THR A 279 5.97 -24.71 -23.60
C THR A 279 5.50 -24.69 -25.04
N SER A 280 5.70 -25.81 -25.73
CA SER A 280 5.39 -25.94 -27.14
C SER A 280 4.31 -26.99 -27.32
N PRO A 281 3.82 -27.20 -28.54
CA PRO A 281 2.92 -28.34 -28.77
C PRO A 281 3.57 -29.67 -28.46
N GLU A 282 4.89 -29.75 -28.66
CA GLU A 282 5.63 -31.00 -28.46
C GLU A 282 5.88 -31.31 -26.99
N ILE A 283 6.20 -30.32 -26.17
CA ILE A 283 6.41 -30.61 -24.75
C ILE A 283 5.10 -30.63 -23.98
N GLY A 284 4.08 -29.91 -24.45
CA GLY A 284 2.77 -30.01 -23.81
C GLY A 284 2.13 -31.37 -24.03
N TYR A 285 2.35 -31.94 -25.21
CA TYR A 285 1.97 -33.32 -25.52
C TYR A 285 2.89 -34.33 -24.85
N ALA A 286 4.11 -33.95 -24.50
CA ALA A 286 4.95 -34.83 -23.69
C ALA A 286 4.51 -34.81 -22.23
N PHE A 287 4.49 -33.62 -21.63
CA PHE A 287 3.98 -33.49 -20.26
C PHE A 287 2.65 -34.23 -20.12
N GLU A 288 1.65 -33.82 -20.91
CA GLU A 288 0.33 -34.46 -20.95
C GLU A 288 0.40 -35.99 -20.80
N ASP A 289 1.13 -36.66 -21.69
CA ASP A 289 1.23 -38.10 -21.61
C ASP A 289 2.04 -38.55 -20.40
N ALA A 290 2.55 -37.61 -19.59
CA ALA A 290 3.27 -37.89 -18.35
C ALA A 290 2.34 -37.98 -17.17
N LEU A 291 1.29 -37.16 -17.15
CA LEU A 291 0.31 -37.14 -16.07
C LEU A 291 -0.53 -38.41 -16.07
N LYS A 292 -0.21 -39.34 -16.98
CA LYS A 292 -0.86 -40.64 -17.02
C LYS A 292 -0.86 -41.31 -15.64
N GLY A 293 -1.98 -41.95 -15.31
CA GLY A 293 -2.04 -42.77 -14.11
C GLY A 293 -1.87 -42.04 -12.79
N PHE A 294 -1.54 -40.75 -12.84
CA PHE A 294 -1.74 -39.85 -11.72
C PHE A 294 -3.03 -39.05 -11.86
N ILE A 295 -3.20 -38.33 -12.98
CA ILE A 295 -4.48 -37.75 -13.36
C ILE A 295 -5.26 -38.77 -14.16
N GLN A 296 -6.49 -39.04 -13.76
CA GLN A 296 -7.35 -40.00 -14.44
C GLN A 296 -8.34 -39.20 -15.31
N SER A 297 -8.01 -39.06 -16.58
CA SER A 297 -8.87 -38.37 -17.54
C SER A 297 -8.39 -38.73 -18.93
N GLU A 298 -9.32 -38.76 -19.89
CA GLU A 298 -8.96 -39.24 -21.23
C GLU A 298 -7.86 -38.39 -21.85
N ASP A 299 -7.03 -39.03 -22.68
CA ASP A 299 -5.93 -38.36 -23.35
C ASP A 299 -6.36 -36.98 -23.83
N GLY A 300 -5.54 -35.97 -23.54
CA GLY A 300 -5.83 -34.61 -23.93
C GLY A 300 -6.72 -33.85 -22.97
N HIS A 301 -6.96 -34.39 -21.78
CA HIS A 301 -7.74 -33.70 -20.77
C HIS A 301 -7.02 -33.58 -19.43
N ARG A 302 -5.93 -34.32 -19.20
CA ARG A 302 -5.30 -34.36 -17.88
C ARG A 302 -4.65 -33.02 -17.52
N THR A 303 -4.01 -32.37 -18.49
CA THR A 303 -3.30 -31.12 -18.19
C THR A 303 -4.24 -30.04 -17.69
N GLU A 304 -5.37 -29.81 -18.39
CA GLU A 304 -6.35 -28.84 -17.90
C GLU A 304 -6.86 -29.24 -16.52
N CYS A 305 -6.81 -30.54 -16.21
CA CYS A 305 -7.19 -31.05 -14.89
C CYS A 305 -6.11 -30.76 -13.86
N PHE A 306 -4.91 -31.27 -14.09
CA PHE A 306 -3.75 -30.95 -13.27
C PHE A 306 -3.67 -29.48 -12.92
N LEU A 307 -3.98 -28.59 -13.86
CA LEU A 307 -3.88 -27.15 -13.60
C LEU A 307 -4.97 -26.65 -12.65
N GLN A 308 -6.21 -27.07 -12.88
CA GLN A 308 -7.26 -26.83 -11.89
C GLN A 308 -6.81 -27.28 -10.51
N LEU A 309 -6.15 -28.43 -10.43
CA LEU A 309 -5.73 -28.96 -9.14
C LEU A 309 -4.73 -28.02 -8.47
N VAL A 310 -3.71 -27.60 -9.22
CA VAL A 310 -2.68 -26.70 -8.69
C VAL A 310 -3.31 -25.38 -8.26
N SER A 311 -4.14 -24.81 -9.14
CA SER A 311 -4.76 -23.56 -8.79
C SER A 311 -5.53 -23.68 -7.49
N ASP A 312 -6.25 -24.78 -7.29
CA ASP A 312 -7.10 -24.88 -6.12
C ASP A 312 -6.31 -25.17 -4.85
N ALA A 313 -5.25 -25.97 -4.97
CA ALA A 313 -4.30 -26.08 -3.87
C ALA A 313 -3.79 -24.70 -3.45
N VAL A 314 -3.39 -23.88 -4.42
CA VAL A 314 -2.81 -22.58 -4.09
C VAL A 314 -3.87 -21.66 -3.49
N TYR A 315 -5.03 -21.56 -4.16
CA TYR A 315 -6.09 -20.68 -3.67
C TYR A 315 -6.71 -21.17 -2.37
N GLY A 316 -6.78 -22.48 -2.17
CA GLY A 316 -7.40 -23.00 -0.97
C GLY A 316 -6.51 -22.89 0.25
N SER A 317 -5.22 -23.17 0.08
CA SER A 317 -4.33 -23.22 1.23
C SER A 317 -4.12 -21.85 1.88
N GLY A 318 -4.40 -20.75 1.17
CA GLY A 318 -4.34 -19.41 1.73
C GLY A 318 -2.92 -18.96 2.01
N VAL A 319 -1.99 -19.85 1.68
CA VAL A 319 -0.58 -19.59 1.96
C VAL A 319 -0.11 -18.34 1.24
N LEU A 320 -0.61 -18.09 0.02
CA LEU A 320 -0.18 -16.96 -0.79
C LEU A 320 -0.58 -15.61 -0.21
N ASP A 321 -1.53 -15.59 0.72
CA ASP A 321 -2.00 -14.33 1.30
C ASP A 321 -0.99 -13.77 2.30
N ARG A 322 -0.70 -14.54 3.37
CA ARG A 322 0.24 -14.06 4.37
C ARG A 322 1.57 -13.69 3.75
N LEU A 323 1.95 -14.37 2.67
CA LEU A 323 3.20 -14.03 2.02
C LEU A 323 3.17 -12.61 1.47
N LEU A 324 2.08 -12.25 0.76
CA LEU A 324 1.98 -10.91 0.20
C LEU A 324 1.91 -9.84 1.28
N GLU A 325 1.70 -10.21 2.54
CA GLU A 325 1.81 -9.26 3.63
C GLU A 325 3.27 -8.93 3.91
N ILE A 326 4.14 -9.93 3.87
CA ILE A 326 5.57 -9.71 4.08
C ILE A 326 6.11 -8.77 3.00
N GLN A 327 6.00 -9.17 1.73
CA GLN A 327 6.33 -8.36 0.57
C GLN A 327 5.90 -6.90 0.74
N LYS A 328 4.73 -6.67 1.32
CA LYS A 328 4.28 -5.29 1.47
C LYS A 328 4.97 -4.58 2.64
N LEU A 329 5.99 -5.21 3.26
CA LEU A 329 6.88 -4.44 4.12
C LEU A 329 7.80 -3.51 3.33
N ASP A 330 7.79 -3.60 1.98
CA ASP A 330 8.34 -2.58 1.09
C ASP A 330 7.53 -1.28 1.09
N LYS A 331 7.27 -0.70 2.25
CA LYS A 331 6.31 0.39 2.35
C LYS A 331 6.64 1.59 1.48
N LEU A 332 7.91 1.77 1.03
CA LEU A 332 8.32 2.99 0.31
C LEU A 332 8.90 2.72 -1.06
N ASP A 333 8.95 1.47 -1.50
CA ASP A 333 9.57 1.13 -2.78
C ASP A 333 11.04 1.52 -2.80
N ILE A 334 11.87 0.76 -3.52
CA ILE A 334 13.30 1.05 -3.47
C ILE A 334 13.57 2.51 -3.80
N GLU A 335 12.71 3.15 -4.56
CA GLU A 335 12.97 4.53 -4.93
C GLU A 335 12.99 5.45 -3.72
N GLY A 336 12.26 5.12 -2.66
CA GLY A 336 12.33 5.86 -1.43
C GLY A 336 13.24 5.25 -0.38
N ALA A 337 13.41 3.92 -0.43
CA ALA A 337 14.15 3.18 0.60
C ALA A 337 15.66 3.39 0.49
N ILE A 338 16.17 3.48 -0.73
CA ILE A 338 17.59 3.77 -0.97
C ILE A 338 18.11 4.84 -0.03
N HIS A 339 17.34 5.93 0.12
CA HIS A 339 17.75 7.03 0.99
C HIS A 339 18.09 6.53 2.38
N CYS A 340 17.14 5.88 3.03
CA CYS A 340 17.41 5.32 4.35
C CYS A 340 18.64 4.42 4.31
N TYR A 341 18.88 3.76 3.18
CA TYR A 341 20.08 2.94 3.07
C TYR A 341 21.33 3.80 3.23
N TYR A 342 21.39 4.93 2.52
CA TYR A 342 22.59 5.76 2.58
C TYR A 342 22.80 6.36 3.97
N ASP A 343 21.73 6.61 4.74
CA ASP A 343 21.90 6.99 6.14
C ASP A 343 22.60 5.88 6.91
N ILE A 344 22.08 4.66 6.77
CA ILE A 344 22.56 3.51 7.54
C ILE A 344 24.08 3.43 7.46
N ILE A 345 24.58 3.30 6.23
CA ILE A 345 26.00 3.25 5.91
C ILE A 345 26.64 4.62 6.07
N ASN A 346 25.90 5.59 6.57
CA ASN A 346 26.41 6.92 6.83
C ASN A 346 27.34 7.39 5.70
N GLN A 347 26.78 7.42 4.49
CA GLN A 347 27.44 7.95 3.32
C GLN A 347 26.50 8.95 2.65
N PRO A 348 26.97 10.13 2.25
CA PRO A 348 26.06 11.17 1.76
C PRO A 348 25.21 10.63 0.61
N CYS A 349 24.00 11.19 0.46
CA CYS A 349 23.03 10.55 -0.43
C CYS A 349 23.27 10.95 -1.89
N PRO A 350 23.62 10.01 -2.79
CA PRO A 350 23.79 10.39 -4.20
C PRO A 350 22.48 10.87 -4.81
N ILE A 351 21.41 10.08 -4.64
CA ILE A 351 20.16 10.30 -5.36
C ILE A 351 19.65 11.72 -5.20
N CYS A 352 19.84 12.30 -4.01
CA CYS A 352 19.45 13.68 -3.78
C CYS A 352 20.25 14.66 -4.67
N LYS A 353 19.64 15.81 -4.92
CA LYS A 353 20.10 16.77 -5.93
C LYS A 353 19.66 18.17 -5.50
N GLU A 354 20.61 19.01 -5.11
CA GLU A 354 20.29 20.34 -4.60
C GLU A 354 20.40 21.43 -5.67
N GLU A 361 14.88 15.03 -1.04
CA GLU A 361 13.77 15.22 -0.11
C GLU A 361 14.20 14.95 1.33
N LEU A 362 14.52 16.02 2.07
CA LEU A 362 14.97 15.90 3.45
C LEU A 362 14.07 14.90 4.18
N SER A 363 12.74 15.03 4.01
CA SER A 363 11.78 14.19 4.72
C SER A 363 12.38 12.85 5.15
N LEU A 364 12.95 12.12 4.20
CA LEU A 364 13.47 10.78 4.49
C LEU A 364 14.83 10.83 5.21
N HIS A 365 15.65 11.87 4.98
CA HIS A 365 16.91 12.01 5.70
C HIS A 365 16.76 12.60 7.09
N ALA A 366 15.69 13.34 7.33
CA ALA A 366 15.33 13.90 8.63
C ALA A 366 14.76 12.85 9.57
N LEU A 367 14.76 11.58 9.21
CA LEU A 367 14.28 10.57 10.13
C LEU A 367 15.30 10.36 11.24
N PRO A 368 14.84 9.89 12.40
CA PRO A 368 15.79 9.42 13.42
C PRO A 368 16.47 8.15 12.93
N LEU A 369 17.78 8.05 13.12
CA LEU A 369 18.50 6.90 12.56
C LEU A 369 17.79 5.59 12.88
N ASP A 370 17.11 5.52 14.02
CA ASP A 370 16.36 4.33 14.39
C ASP A 370 15.29 3.98 13.36
N GLU A 371 14.50 4.98 12.91
CA GLU A 371 13.44 4.76 11.94
C GLU A 371 14.01 4.36 10.58
N SER A 372 15.12 5.00 10.20
CA SER A 372 15.81 4.67 8.95
C SER A 372 16.35 3.24 8.95
N LEU A 373 16.67 2.69 10.11
CA LEU A 373 16.98 1.26 10.14
C LEU A 373 15.76 0.43 9.81
N LYS A 374 14.62 0.75 10.43
CA LYS A 374 13.43 -0.08 10.33
C LYS A 374 12.96 -0.21 8.89
N ILE A 375 13.07 0.86 8.11
CA ILE A 375 12.66 0.77 6.71
C ILE A 375 13.59 -0.13 5.93
N VAL A 376 14.88 -0.12 6.25
CA VAL A 376 15.76 -0.90 5.41
C VAL A 376 15.72 -2.38 5.80
N LYS A 377 15.60 -2.65 7.09
CA LYS A 377 15.41 -4.02 7.55
C LYS A 377 14.07 -4.58 7.06
N GLU A 378 13.01 -3.78 7.12
CA GLU A 378 11.75 -4.23 6.57
C GLU A 378 11.84 -4.35 5.05
N TYR A 379 12.62 -3.49 4.40
CA TYR A 379 12.89 -3.70 2.98
C TYR A 379 13.56 -5.05 2.75
N LEU A 380 14.75 -5.25 3.35
CA LEU A 380 15.41 -6.55 3.18
C LEU A 380 14.45 -7.70 3.43
N ILE A 381 13.79 -7.70 4.59
CA ILE A 381 12.84 -8.77 4.89
C ILE A 381 11.91 -8.98 3.71
N ALA A 382 11.28 -7.90 3.26
CA ALA A 382 10.38 -7.99 2.09
C ALA A 382 11.09 -8.63 0.90
N ALA A 383 12.36 -8.29 0.66
CA ALA A 383 13.10 -8.90 -0.45
C ALA A 383 13.16 -10.42 -0.33
N THR A 384 13.33 -10.91 0.89
CA THR A 384 13.35 -12.36 1.09
C THR A 384 12.05 -12.98 0.57
N ALA A 385 10.93 -12.25 0.72
CA ALA A 385 9.58 -12.74 0.43
C ALA A 385 9.18 -12.62 -1.03
N LYS A 386 9.72 -11.64 -1.77
CA LYS A 386 9.49 -11.60 -3.21
C LYS A 386 10.37 -12.59 -3.98
N ASP A 387 11.51 -13.00 -3.43
CA ASP A 387 12.36 -13.95 -4.14
C ASP A 387 12.17 -15.40 -3.68
N CYS A 388 11.32 -15.65 -2.69
CA CYS A 388 11.10 -17.00 -2.18
C CYS A 388 10.27 -17.86 -3.15
N SER A 389 10.10 -19.15 -2.83
CA SER A 389 9.34 -20.05 -3.70
C SER A 389 8.42 -20.94 -2.88
N ILE A 390 7.39 -21.45 -3.55
CA ILE A 390 6.39 -22.33 -2.97
C ILE A 390 6.47 -23.69 -3.66
N MET A 391 6.62 -24.74 -2.87
CA MET A 391 6.50 -26.11 -3.35
C MET A 391 5.19 -26.75 -2.88
N ILE A 392 4.59 -27.58 -3.73
CA ILE A 392 3.31 -28.20 -3.44
C ILE A 392 3.42 -29.66 -3.81
N SER A 393 3.41 -30.53 -2.81
CA SER A 393 3.37 -31.96 -3.08
C SER A 393 1.96 -32.45 -3.40
N PHE A 394 1.86 -33.63 -3.99
CA PHE A 394 0.57 -34.32 -4.14
C PHE A 394 0.72 -35.83 -3.95
N GLN A 395 -0.22 -36.42 -3.22
CA GLN A 395 -0.40 -37.87 -3.11
C GLN A 395 -1.83 -38.18 -3.53
N SER A 396 -1.98 -38.76 -4.71
CA SER A 396 -3.30 -39.14 -5.16
C SER A 396 -3.88 -40.19 -4.22
N ARG A 397 -5.19 -40.12 -3.97
CA ARG A 397 -5.85 -41.17 -3.21
C ARG A 397 -6.23 -42.37 -4.08
N ASN A 398 -5.96 -42.32 -5.39
CA ASN A 398 -6.09 -43.47 -6.28
C ASN A 398 -4.99 -44.51 -6.07
N ALA A 399 -3.98 -44.20 -5.25
CA ALA A 399 -2.96 -45.15 -4.83
C ALA A 399 -3.29 -45.64 -3.42
N TRP A 400 -3.09 -46.94 -3.18
CA TRP A 400 -3.56 -47.51 -1.92
C TRP A 400 -2.72 -47.10 -0.70
N ASP A 401 -1.49 -46.60 -0.90
CA ASP A 401 -0.74 -46.16 0.29
C ASP A 401 -1.31 -44.87 0.91
N SER A 402 -2.47 -44.37 0.45
CA SER A 402 -2.95 -43.03 0.80
C SER A 402 -3.15 -42.82 2.30
N GLU A 403 -2.26 -42.02 2.90
CA GLU A 403 -2.45 -41.42 4.22
C GLU A 403 -3.34 -40.22 4.02
N PRO A 404 -4.65 -40.35 4.26
CA PRO A 404 -5.53 -39.16 4.19
C PRO A 404 -4.99 -37.99 5.02
N SER A 405 -5.80 -36.92 5.13
CA SER A 405 -5.34 -35.66 5.71
C SER A 405 -6.36 -34.57 5.48
N GLY A 406 -6.41 -33.57 6.37
CA GLY A 406 -7.36 -32.47 6.30
C GLY A 406 -7.04 -31.38 5.30
N ASP A 407 -5.82 -31.33 4.77
CA ASP A 407 -5.49 -30.49 3.63
C ASP A 407 -5.53 -31.38 2.39
N TYR A 408 -6.53 -31.20 1.55
CA TYR A 408 -6.63 -31.99 0.33
C TYR A 408 -7.42 -31.20 -0.70
N VAL A 409 -7.48 -31.74 -1.91
CA VAL A 409 -8.23 -31.19 -3.03
C VAL A 409 -9.15 -32.27 -3.58
N SER A 410 -10.40 -31.92 -3.84
CA SER A 410 -11.29 -32.81 -4.56
C SER A 410 -11.48 -32.21 -5.95
N LEU A 411 -10.88 -32.86 -6.94
CA LEU A 411 -10.92 -32.40 -8.32
C LEU A 411 -12.21 -32.89 -8.95
N LYS A 412 -13.22 -32.02 -8.99
CA LYS A 412 -14.59 -32.42 -9.36
C LYS A 412 -14.68 -33.30 -10.60
N PRO A 413 -13.98 -33.05 -11.70
CA PRO A 413 -14.32 -33.69 -12.97
C PRO A 413 -13.63 -35.02 -13.23
N THR A 414 -12.82 -35.50 -12.30
CA THR A 414 -12.29 -36.85 -12.37
C THR A 414 -12.67 -37.66 -11.14
N ASN A 415 -13.22 -37.02 -10.11
CA ASN A 415 -13.67 -37.68 -8.90
C ASN A 415 -12.50 -38.15 -8.05
N GLN A 416 -11.34 -37.49 -8.14
CA GLN A 416 -10.18 -37.91 -7.35
C GLN A 416 -9.93 -36.93 -6.23
N THR A 417 -9.46 -37.45 -5.10
CA THR A 417 -9.05 -36.67 -3.95
C THR A 417 -7.53 -36.71 -3.81
N PHE A 418 -6.97 -35.54 -3.50
CA PHE A 418 -5.52 -35.34 -3.47
C PHE A 418 -5.14 -34.64 -2.17
N ASP A 419 -4.30 -35.29 -1.38
CA ASP A 419 -3.73 -34.68 -0.18
C ASP A 419 -2.48 -33.91 -0.58
N TYR A 420 -2.26 -32.76 0.06
CA TYR A 420 -1.21 -31.88 -0.41
C TYR A 420 -0.57 -31.08 0.72
N LYS A 421 0.71 -30.76 0.52
CA LYS A 421 1.51 -29.91 1.38
C LYS A 421 1.89 -28.63 0.63
N VAL A 422 2.04 -27.55 1.38
CA VAL A 422 2.55 -26.31 0.83
C VAL A 422 3.65 -25.78 1.76
N HIS A 423 4.87 -25.66 1.25
CA HIS A 423 6.01 -25.26 2.05
C HIS A 423 6.78 -24.18 1.32
N PHE A 424 7.46 -23.34 2.10
CA PHE A 424 8.30 -22.30 1.52
C PHE A 424 9.73 -22.80 1.38
N ILE A 425 10.46 -22.19 0.46
CA ILE A 425 11.89 -22.45 0.26
C ILE A 425 12.58 -21.16 -0.14
N ASP A 426 13.87 -21.07 0.14
CA ASP A 426 14.64 -19.89 -0.25
C ASP A 426 14.15 -18.67 0.53
N LEU A 427 14.04 -18.84 1.85
CA LEU A 427 13.83 -17.73 2.77
C LEU A 427 15.18 -17.25 3.30
N SER A 428 16.09 -16.98 2.38
CA SER A 428 17.42 -16.51 2.75
C SER A 428 17.41 -15.01 3.07
N LEU A 429 18.29 -14.62 3.99
CA LEU A 429 18.52 -13.21 4.29
C LEU A 429 19.29 -12.54 3.13
N LYS A 430 18.98 -11.28 2.90
CA LYS A 430 19.64 -10.62 1.78
C LYS A 430 20.62 -9.54 2.27
N PRO A 431 21.75 -9.32 1.60
CA PRO A 431 22.77 -8.42 2.15
C PRO A 431 22.39 -6.95 2.07
N LEU A 432 22.81 -6.20 3.07
CA LEU A 432 22.52 -4.78 3.10
C LEU A 432 22.97 -4.10 1.84
N LYS A 433 23.96 -4.68 1.14
CA LYS A 433 24.62 -3.99 0.04
C LYS A 433 23.84 -4.10 -1.26
N ARG A 434 23.03 -5.14 -1.38
CA ARG A 434 22.19 -5.28 -2.55
C ARG A 434 21.24 -4.09 -2.71
N MET A 435 20.96 -3.36 -1.62
CA MET A 435 20.17 -2.14 -1.71
C MET A 435 20.62 -1.30 -2.89
N GLU A 436 21.89 -0.88 -2.88
CA GLU A 436 22.42 -0.04 -3.96
C GLU A 436 22.18 -0.70 -5.32
N SER A 437 22.55 -1.97 -5.46
CA SER A 437 22.26 -2.68 -6.69
C SER A 437 20.76 -2.79 -6.95
N TYR A 438 19.92 -2.94 -5.92
CA TYR A 438 18.47 -2.89 -6.18
C TYR A 438 18.07 -1.59 -6.87
N TYR A 439 18.46 -0.45 -6.31
CA TYR A 439 18.08 0.83 -6.91
C TYR A 439 18.51 0.90 -8.37
N LYS A 440 19.74 0.53 -8.65
CA LYS A 440 20.22 0.59 -10.01
C LYS A 440 19.38 -0.31 -10.91
N LEU A 441 19.07 -1.53 -10.47
CA LEU A 441 18.24 -2.42 -11.28
C LEU A 441 16.85 -1.84 -11.52
N ASP A 442 16.22 -1.27 -10.49
CA ASP A 442 14.94 -0.62 -10.69
C ASP A 442 15.06 0.45 -11.77
N LYS A 443 15.97 1.41 -11.57
CA LYS A 443 16.15 2.48 -12.53
C LYS A 443 16.20 1.94 -13.95
N LYS A 444 16.96 0.87 -14.17
CA LYS A 444 17.04 0.36 -15.53
C LYS A 444 15.73 -0.25 -15.96
N ILE A 445 14.97 -0.82 -15.03
CA ILE A 445 13.71 -1.44 -15.42
C ILE A 445 12.72 -0.38 -15.84
N ILE A 446 12.51 0.64 -14.99
CA ILE A 446 11.51 1.65 -15.30
C ILE A 446 12.01 2.63 -16.34
N SER A 447 13.32 2.83 -16.44
CA SER A 447 13.85 3.61 -17.54
C SER A 447 13.62 2.91 -18.88
N PHE A 448 13.90 1.61 -18.94
CA PHE A 448 13.78 0.88 -20.20
C PHE A 448 12.32 0.67 -20.60
N TYR A 449 11.42 0.47 -19.64
CA TYR A 449 10.02 0.34 -19.99
C TYR A 449 9.49 1.66 -20.55
N ASN A 450 9.66 2.74 -19.78
CA ASN A 450 9.32 4.06 -20.25
C ASN A 450 9.75 4.22 -21.70
N ARG A 451 11.01 3.91 -21.98
CA ARG A 451 11.50 3.88 -23.35
C ARG A 451 10.53 3.15 -24.28
N LYS A 452 10.55 1.82 -24.30
CA LYS A 452 9.77 1.11 -25.30
C LYS A 452 8.30 1.51 -25.32
N GLN A 453 7.79 2.18 -24.28
CA GLN A 453 6.44 2.69 -24.40
C GLN A 453 6.38 4.06 -25.06
N LYS A 454 7.41 4.89 -24.92
CA LYS A 454 7.42 6.12 -25.68
C LYS A 454 7.41 5.83 -27.17
N ALA A 455 8.13 4.79 -27.60
CA ALA A 455 7.97 4.35 -28.98
C ALA A 455 6.51 3.92 -29.22
N GLU A 456 5.85 4.59 -30.16
CA GLU A 456 4.45 4.41 -30.52
C GLU A 456 4.00 5.64 -31.31
N GLU B 13 -31.50 54.56 -23.26
CA GLU B 13 -30.75 55.46 -24.12
C GLU B 13 -29.47 54.85 -24.68
N VAL B 14 -28.90 53.83 -24.03
CA VAL B 14 -27.65 53.22 -24.50
C VAL B 14 -27.75 51.69 -24.39
N LEU B 15 -27.31 51.00 -25.46
CA LEU B 15 -27.59 49.58 -25.71
C LEU B 15 -26.44 48.70 -25.27
N PHE B 16 -26.77 47.63 -24.53
CA PHE B 16 -25.83 46.88 -23.70
C PHE B 16 -25.63 45.46 -24.24
N GLN B 17 -24.41 44.95 -24.06
CA GLN B 17 -24.05 43.64 -24.61
C GLN B 17 -24.93 42.55 -24.04
N GLY B 18 -25.16 41.51 -24.85
CA GLY B 18 -25.88 40.35 -24.40
C GLY B 18 -25.06 39.54 -23.41
N PRO B 19 -25.53 39.45 -22.16
CA PRO B 19 -24.69 38.91 -21.08
C PRO B 19 -24.02 37.62 -21.44
N MET B 20 -22.69 37.62 -21.51
CA MET B 20 -21.92 36.47 -21.97
C MET B 20 -21.07 35.91 -20.83
N GLU B 21 -20.96 34.58 -20.78
CA GLU B 21 -20.16 33.90 -19.78
C GLU B 21 -18.74 34.43 -19.75
N MET B 22 -18.29 34.79 -18.55
CA MET B 22 -16.90 35.10 -18.27
C MET B 22 -15.99 33.94 -18.68
N ILE B 23 -14.94 34.23 -19.45
CA ILE B 23 -14.02 33.19 -19.92
C ILE B 23 -12.60 33.63 -19.58
N LEU B 24 -12.13 33.23 -18.39
CA LEU B 24 -10.78 33.52 -17.91
C LEU B 24 -9.73 32.98 -18.88
N GLU B 25 -9.01 33.89 -19.54
CA GLU B 25 -8.02 33.54 -20.56
C GLU B 25 -6.69 33.23 -19.90
N GLU B 26 -5.58 33.58 -20.56
CA GLU B 26 -4.27 33.44 -19.95
C GLU B 26 -3.84 34.68 -19.17
N LYS B 27 -4.25 35.88 -19.60
CA LYS B 27 -3.92 37.10 -18.84
C LYS B 27 -4.20 36.94 -17.35
N ASP B 28 -5.16 36.08 -17.00
CA ASP B 28 -5.71 36.05 -15.65
C ASP B 28 -4.97 35.11 -14.72
N ALA B 29 -4.24 34.14 -15.26
CA ALA B 29 -3.42 33.28 -14.43
C ALA B 29 -2.61 34.09 -13.42
N SER B 30 -1.80 35.04 -13.91
CA SER B 30 -0.91 35.81 -13.05
C SER B 30 -1.65 36.61 -11.97
N ASP B 31 -2.98 36.52 -11.95
CA ASP B 31 -3.79 37.21 -10.94
C ASP B 31 -4.18 36.31 -9.76
N TRP B 32 -3.76 35.04 -9.76
CA TRP B 32 -4.02 34.11 -8.68
C TRP B 32 -2.72 33.56 -8.13
N ILE B 33 -2.80 33.02 -6.90
CA ILE B 33 -1.63 32.54 -6.16
C ILE B 33 -1.98 31.23 -5.47
N TYR B 34 -0.96 30.42 -5.23
CA TYR B 34 -1.18 29.13 -4.56
C TYR B 34 -1.79 29.32 -3.19
N ARG B 35 -2.76 28.46 -2.87
CA ARG B 35 -3.36 28.40 -1.54
C ARG B 35 -3.04 27.04 -0.94
N GLY B 36 -3.97 26.08 -0.99
CA GLY B 36 -3.68 24.72 -0.59
C GLY B 36 -4.08 23.70 -1.64
N GLU B 37 -4.24 22.44 -1.21
CA GLU B 37 -4.70 21.41 -2.12
C GLU B 37 -4.98 20.13 -1.36
N GLY B 38 -6.15 19.55 -1.57
CA GLY B 38 -6.40 18.20 -1.14
C GLY B 38 -5.74 17.21 -2.08
N GLY B 39 -6.25 16.00 -2.05
CA GLY B 39 -5.74 14.96 -2.93
C GLY B 39 -6.50 14.85 -4.22
N ALA B 40 -7.22 15.93 -4.56
CA ALA B 40 -8.16 15.90 -5.70
C ALA B 40 -8.33 17.25 -6.36
N ASN B 41 -8.14 18.33 -5.61
CA ASN B 41 -8.43 19.68 -6.09
C ASN B 41 -7.29 20.64 -5.77
N LEU B 42 -6.94 21.48 -6.73
CA LEU B 42 -6.00 22.57 -6.52
C LEU B 42 -6.79 23.84 -6.19
N VAL B 43 -6.36 24.58 -5.18
CA VAL B 43 -7.10 25.77 -4.79
C VAL B 43 -6.16 26.96 -4.80
N LEU B 44 -6.51 27.97 -5.59
CA LEU B 44 -5.78 29.22 -5.67
C LEU B 44 -6.60 30.32 -5.00
N ALA B 45 -5.91 31.25 -4.35
CA ALA B 45 -6.53 32.45 -3.84
C ALA B 45 -6.26 33.60 -4.80
N TYR B 46 -7.01 34.70 -4.60
CA TYR B 46 -6.90 35.82 -5.50
C TYR B 46 -5.73 36.72 -5.16
N ALA B 47 -5.31 37.53 -6.14
CA ALA B 47 -4.20 38.45 -5.99
C ALA B 47 -4.40 39.75 -6.74
N GLY B 48 -5.13 39.75 -7.84
CA GLY B 48 -5.29 40.97 -8.59
C GLY B 48 -6.12 42.02 -7.86
N SER B 49 -6.94 42.73 -8.64
CA SER B 49 -7.73 43.86 -8.16
C SER B 49 -9.15 43.89 -8.68
N SER B 50 -9.54 43.08 -9.67
CA SER B 50 -10.91 43.08 -10.20
C SER B 50 -11.88 43.03 -9.03
N PRO B 51 -13.14 43.35 -9.25
CA PRO B 51 -14.09 43.40 -8.13
C PRO B 51 -14.76 42.07 -7.91
N LEU B 52 -15.00 41.33 -9.00
CA LEU B 52 -15.66 40.04 -8.89
C LEU B 52 -14.87 39.08 -8.00
N PHE B 53 -13.55 39.05 -8.17
CA PHE B 53 -12.70 38.06 -7.52
C PHE B 53 -12.12 38.53 -6.19
N VAL B 54 -12.27 39.80 -5.82
CA VAL B 54 -11.80 40.24 -4.51
C VAL B 54 -12.53 39.42 -3.45
N GLY B 55 -11.76 38.77 -2.58
CA GLY B 55 -12.33 37.94 -1.53
C GLY B 55 -12.82 36.58 -1.98
N LYS B 56 -12.08 35.91 -2.86
CA LYS B 56 -12.52 34.66 -3.48
C LYS B 56 -11.31 33.84 -3.93
N VAL B 57 -11.51 32.52 -4.02
CA VAL B 57 -10.48 31.62 -4.51
C VAL B 57 -11.05 30.85 -5.70
N ILE B 58 -10.34 29.81 -6.13
CA ILE B 58 -10.75 29.01 -7.29
C ILE B 58 -10.37 27.54 -7.06
N ARG B 59 -11.28 26.63 -7.42
CA ARG B 59 -11.08 25.20 -7.17
C ARG B 59 -10.89 24.48 -8.51
N ILE B 60 -9.65 24.50 -8.99
CA ILE B 60 -9.24 23.73 -10.15
C ILE B 60 -9.08 22.27 -9.74
N GLN B 61 -9.66 21.38 -10.53
CA GLN B 61 -9.49 19.96 -10.28
C GLN B 61 -8.26 19.44 -11.00
N LYS B 62 -7.47 18.64 -10.30
CA LYS B 62 -6.36 17.92 -10.89
C LYS B 62 -6.82 16.55 -11.33
N ALA B 63 -6.02 15.90 -12.17
CA ALA B 63 -6.29 14.52 -12.56
C ALA B 63 -5.16 13.64 -12.02
N ARG B 64 -5.54 12.48 -11.48
CA ARG B 64 -4.55 11.49 -11.13
C ARG B 64 -3.65 11.25 -12.34
N ARG B 65 -2.36 11.57 -12.20
CA ARG B 65 -1.46 11.56 -13.34
C ARG B 65 -1.41 10.16 -13.97
N ASN B 66 -2.14 9.21 -13.39
CA ASN B 66 -2.38 7.90 -13.98
C ASN B 66 -3.90 7.65 -14.09
N ASP B 67 -4.58 8.52 -14.83
CA ASP B 67 -6.00 8.33 -15.11
C ASP B 67 -6.23 8.38 -16.60
N SER B 78 -19.91 9.39 -19.17
CA SER B 78 -18.57 9.93 -19.40
C SER B 78 -18.29 11.12 -18.47
N VAL B 79 -18.81 11.04 -17.25
CA VAL B 79 -18.68 12.06 -16.20
C VAL B 79 -19.01 11.43 -14.86
N LEU B 80 -19.96 10.49 -14.89
CA LEU B 80 -20.30 9.57 -13.82
C LEU B 80 -20.30 8.18 -14.43
N THR B 81 -19.55 7.25 -13.86
CA THR B 81 -19.52 5.91 -14.45
C THR B 81 -20.93 5.39 -14.58
N SER B 82 -21.10 4.27 -15.29
CA SER B 82 -22.46 3.75 -15.50
C SER B 82 -23.01 3.09 -14.25
N ASP B 83 -22.15 2.50 -13.41
CA ASP B 83 -22.65 2.05 -12.13
C ASP B 83 -23.06 3.23 -11.26
N GLU B 84 -22.38 4.39 -11.40
CA GLU B 84 -22.66 5.54 -10.55
C GLU B 84 -24.03 6.11 -10.82
N GLN B 85 -24.35 6.31 -12.10
CA GLN B 85 -25.63 6.87 -12.49
C GLN B 85 -26.76 5.84 -12.40
N HIS B 86 -26.41 4.56 -12.33
CA HIS B 86 -27.32 3.55 -11.76
C HIS B 86 -27.71 3.91 -10.33
N LEU B 87 -26.73 4.25 -9.49
CA LEU B 87 -26.97 4.57 -8.09
C LEU B 87 -27.66 5.92 -7.93
N TRP B 88 -26.98 6.99 -8.32
CA TRP B 88 -27.57 8.31 -8.14
C TRP B 88 -28.75 8.57 -9.07
N ARG B 89 -29.06 7.60 -9.94
CA ARG B 89 -30.20 7.60 -10.85
C ARG B 89 -31.40 8.39 -10.34
N GLU B 90 -31.69 8.28 -9.05
CA GLU B 90 -32.83 8.98 -8.47
C GLU B 90 -32.55 10.44 -8.25
N ASN B 91 -31.45 10.90 -8.84
CA ASN B 91 -31.06 12.31 -8.84
C ASN B 91 -30.73 12.60 -10.30
N ASN B 92 -31.74 13.01 -11.08
CA ASN B 92 -31.54 13.25 -12.50
C ASN B 92 -30.65 14.48 -12.75
N GLU B 93 -30.93 15.59 -12.05
CA GLU B 93 -30.09 16.77 -12.20
C GLU B 93 -28.63 16.44 -11.95
N LEU B 94 -28.38 15.45 -11.09
CA LEU B 94 -27.03 15.01 -10.79
C LEU B 94 -26.45 14.24 -11.96
N ILE B 95 -26.98 13.05 -12.22
CA ILE B 95 -26.48 12.15 -13.24
C ILE B 95 -26.54 12.77 -14.62
N SER B 96 -26.96 14.03 -14.72
CA SER B 96 -27.08 14.72 -15.99
C SER B 96 -26.20 15.97 -16.05
N SER B 97 -25.14 16.01 -15.29
CA SER B 97 -24.34 17.23 -15.37
C SER B 97 -23.23 17.09 -16.40
N PRO B 98 -22.98 18.11 -17.21
CA PRO B 98 -21.87 18.04 -18.18
C PRO B 98 -20.52 17.70 -17.53
N ASN B 99 -19.82 18.70 -17.01
CA ASN B 99 -18.50 18.51 -16.44
C ASN B 99 -18.58 18.05 -14.98
N LYS B 100 -17.43 17.76 -14.38
CA LYS B 100 -17.42 17.55 -12.93
C LYS B 100 -17.75 18.84 -12.19
N GLU B 101 -17.52 20.00 -12.80
CA GLU B 101 -17.77 21.25 -12.08
C GLU B 101 -19.24 21.37 -11.74
N VAL B 102 -20.11 21.14 -12.71
CA VAL B 102 -21.54 21.25 -12.46
C VAL B 102 -22.01 20.15 -11.54
N LEU B 103 -21.26 19.04 -11.51
CA LEU B 103 -21.64 17.90 -10.71
C LEU B 103 -21.36 18.15 -9.22
N GLU B 104 -20.29 18.87 -8.91
CA GLU B 104 -20.07 19.35 -7.54
C GLU B 104 -21.19 20.28 -7.12
N GLN B 105 -21.53 21.23 -8.01
CA GLN B 105 -22.57 22.21 -7.73
C GLN B 105 -23.94 21.55 -7.58
N ARG B 106 -24.20 20.50 -8.37
CA ARG B 106 -25.47 19.80 -8.25
C ARG B 106 -25.53 19.04 -6.94
N TYR B 107 -24.42 18.38 -6.58
CA TYR B 107 -24.38 17.48 -5.44
C TYR B 107 -24.39 18.23 -4.12
N VAL B 108 -23.55 19.25 -3.97
CA VAL B 108 -23.70 20.06 -2.77
C VAL B 108 -25.12 20.57 -2.65
N GLN B 109 -25.71 20.94 -3.79
CA GLN B 109 -26.98 21.67 -3.73
C GLN B 109 -28.18 20.76 -3.53
N ASN B 110 -28.19 19.55 -4.09
CA ASN B 110 -29.40 18.74 -4.01
C ASN B 110 -29.30 17.57 -3.07
N VAL B 111 -28.11 17.21 -2.63
CA VAL B 111 -27.94 16.14 -1.67
C VAL B 111 -27.49 16.70 -0.32
N ILE B 112 -26.43 17.49 -0.33
CA ILE B 112 -25.75 17.86 0.92
C ILE B 112 -26.59 18.85 1.72
N ILE B 113 -26.94 20.01 1.10
CA ILE B 113 -27.70 21.03 1.84
C ILE B 113 -29.06 20.52 2.29
N PRO B 114 -29.79 19.75 1.49
CA PRO B 114 -31.04 19.17 1.96
C PRO B 114 -30.90 18.39 3.25
N LEU B 115 -29.66 18.16 3.67
CA LEU B 115 -29.38 17.44 4.91
C LEU B 115 -28.66 18.28 5.96
N LEU B 116 -27.82 19.20 5.55
CA LEU B 116 -26.95 19.86 6.49
C LEU B 116 -27.25 21.35 6.68
N GLY B 117 -27.94 21.99 5.74
CA GLY B 117 -28.33 23.37 5.91
C GLY B 117 -27.53 24.32 5.05
N PRO B 118 -28.17 25.44 4.66
CA PRO B 118 -27.49 26.44 3.83
C PRO B 118 -26.75 27.56 4.55
N LYS B 119 -26.86 27.66 5.87
CA LYS B 119 -26.16 28.70 6.61
C LYS B 119 -24.66 28.63 6.34
N HIS B 120 -24.06 27.47 6.60
CA HIS B 120 -22.61 27.30 6.57
C HIS B 120 -22.13 26.65 5.29
N VAL B 121 -22.97 26.60 4.26
CA VAL B 121 -22.59 26.09 2.95
C VAL B 121 -22.84 27.21 1.95
N ASP B 122 -21.76 27.83 1.48
CA ASP B 122 -21.85 28.87 0.46
C ASP B 122 -21.51 28.21 -0.86
N ALA B 123 -22.51 27.60 -1.47
CA ALA B 123 -22.35 26.90 -2.74
C ALA B 123 -21.46 27.70 -3.68
N GLY B 124 -20.73 27.02 -4.54
CA GLY B 124 -19.83 27.70 -5.44
C GLY B 124 -20.56 28.24 -6.66
N VAL B 125 -19.77 28.80 -7.57
CA VAL B 125 -20.25 29.27 -8.87
C VAL B 125 -19.19 28.93 -9.90
N ARG B 126 -19.62 28.41 -11.06
CA ARG B 126 -18.66 27.98 -12.09
C ARG B 126 -18.21 29.13 -12.97
N VAL B 127 -16.97 29.04 -13.40
CA VAL B 127 -16.36 29.97 -14.34
C VAL B 127 -15.73 29.12 -15.42
N SER B 128 -15.71 29.66 -16.64
CA SER B 128 -15.09 28.99 -17.76
C SER B 128 -13.63 29.40 -17.86
N VAL B 129 -12.81 28.49 -18.39
CA VAL B 129 -11.37 28.66 -18.40
C VAL B 129 -10.81 28.04 -19.67
N SER B 130 -9.84 28.71 -20.27
CA SER B 130 -9.11 28.17 -21.41
C SER B 130 -7.93 27.34 -20.93
N LYS B 131 -7.51 26.39 -21.79
CA LYS B 131 -6.32 25.60 -21.49
C LYS B 131 -5.16 26.52 -21.12
N GLU B 132 -4.94 27.56 -21.92
CA GLU B 132 -3.92 28.56 -21.65
C GLU B 132 -3.90 28.98 -20.18
N PHE B 133 -5.08 29.29 -19.64
CA PHE B 133 -5.17 29.60 -18.22
C PHE B 133 -4.72 28.42 -17.37
N LEU B 134 -5.11 27.20 -17.75
CA LEU B 134 -4.93 26.07 -16.85
C LEU B 134 -3.46 25.67 -16.74
N GLU B 135 -2.74 25.65 -17.86
CA GLU B 135 -1.33 25.32 -17.82
C GLU B 135 -0.48 26.49 -17.37
N CYS B 136 -0.99 27.71 -17.50
CA CYS B 136 -0.38 28.87 -16.88
C CYS B 136 -0.52 28.84 -15.35
N VAL B 137 -1.32 27.92 -14.84
CA VAL B 137 -1.43 27.66 -13.41
C VAL B 137 -0.64 26.42 -13.01
N ASP B 138 -0.75 25.35 -13.81
CA ASP B 138 0.08 24.16 -13.60
C ASP B 138 1.58 24.49 -13.57
N LYS B 139 2.00 25.53 -14.31
CA LYS B 139 3.38 26.01 -14.19
C LYS B 139 3.54 26.89 -12.96
N LYS B 140 2.67 27.90 -12.81
CA LYS B 140 2.77 28.86 -11.71
C LYS B 140 2.90 28.16 -10.38
N VAL B 141 1.84 27.45 -9.97
CA VAL B 141 1.76 26.89 -8.63
C VAL B 141 2.72 25.73 -8.40
N THR B 142 3.40 25.28 -9.45
CA THR B 142 4.34 24.17 -9.27
C THR B 142 5.38 24.45 -8.20
N LYS B 143 5.52 25.70 -7.75
CA LYS B 143 6.59 26.06 -6.83
C LYS B 143 6.27 25.70 -5.37
N GLN B 144 5.06 26.00 -4.89
CA GLN B 144 4.71 25.88 -3.47
C GLN B 144 4.16 24.51 -3.09
N ARG B 145 4.14 23.56 -4.01
CA ARG B 145 3.49 22.29 -3.73
C ARG B 145 4.45 21.33 -3.03
N PRO B 146 3.91 20.40 -2.24
CA PRO B 146 4.68 19.21 -1.85
C PRO B 146 5.38 18.57 -3.05
N LEU B 147 6.63 18.12 -2.84
CA LEU B 147 7.29 17.39 -3.92
C LEU B 147 6.52 16.13 -4.28
N TRP B 148 5.75 15.58 -3.34
CA TRP B 148 4.95 14.38 -3.56
C TRP B 148 3.56 14.68 -4.10
N ARG B 149 3.11 15.93 -3.99
CA ARG B 149 1.89 16.35 -4.67
C ARG B 149 2.16 16.62 -6.14
N VAL B 150 3.34 17.12 -6.49
CA VAL B 150 3.68 17.33 -7.89
C VAL B 150 3.84 15.99 -8.60
N ASN B 151 4.62 15.08 -8.01
CA ASN B 151 4.70 13.72 -8.54
C ASN B 151 3.32 13.15 -8.80
N ALA B 152 2.40 13.33 -7.85
CA ALA B 152 1.14 12.60 -7.85
C ALA B 152 0.17 13.11 -8.89
N ALA B 153 0.01 14.44 -8.98
CA ALA B 153 -1.04 15.05 -9.77
C ALA B 153 -0.64 16.47 -10.19
N ASN B 154 -1.20 16.89 -11.33
CA ASN B 154 -1.08 18.25 -11.85
C ASN B 154 -2.49 18.76 -12.16
N VAL B 155 -2.59 20.04 -12.53
CA VAL B 155 -3.90 20.55 -12.94
C VAL B 155 -4.35 19.78 -14.18
N ASP B 156 -5.65 19.48 -14.24
CA ASP B 156 -6.24 18.82 -15.42
C ASP B 156 -6.62 19.91 -16.41
N THR B 157 -5.69 20.15 -17.35
CA THR B 157 -5.78 21.12 -18.42
C THR B 157 -6.72 20.71 -19.49
N SER B 158 -7.39 19.59 -19.25
CA SER B 158 -8.41 19.09 -20.14
C SER B 158 -9.82 19.48 -19.71
N HIS B 159 -9.97 20.17 -18.57
CA HIS B 159 -11.23 20.78 -18.22
C HIS B 159 -11.40 22.11 -18.94
N ASP B 160 -12.64 22.58 -18.96
CA ASP B 160 -12.99 23.90 -19.40
C ASP B 160 -13.72 24.70 -18.33
N SER B 161 -13.90 24.13 -17.14
CA SER B 161 -14.68 24.73 -16.08
C SER B 161 -13.79 24.90 -14.86
N ALA B 162 -14.15 25.86 -14.00
CA ALA B 162 -13.56 25.99 -12.66
C ALA B 162 -14.67 26.23 -11.64
N LEU B 163 -14.28 26.40 -10.39
CA LEU B 163 -15.23 26.78 -9.35
C LEU B 163 -14.69 27.99 -8.61
N ILE B 164 -15.51 29.03 -8.50
CA ILE B 164 -15.18 30.23 -7.74
C ILE B 164 -15.98 30.21 -6.44
N LEU B 165 -15.29 30.33 -5.30
CA LEU B 165 -15.90 30.23 -3.98
C LEU B 165 -15.47 31.41 -3.11
N ASN B 166 -16.20 31.64 -2.01
CA ASN B 166 -15.77 32.63 -1.02
C ASN B 166 -14.52 32.13 -0.29
N ASP B 167 -13.47 32.97 -0.20
CA ASP B 167 -12.27 32.60 0.55
C ASP B 167 -12.53 32.81 2.05
N HIS B 168 -13.12 31.79 2.66
CA HIS B 168 -13.60 31.93 4.03
C HIS B 168 -12.47 32.19 5.02
N SER B 169 -11.22 32.20 4.54
CA SER B 169 -10.11 32.62 5.38
C SER B 169 -10.02 34.13 5.50
N LEU B 170 -10.98 34.85 4.92
CA LEU B 170 -11.14 36.30 4.95
C LEU B 170 -12.54 36.65 5.49
N PHE B 171 -12.89 37.94 5.43
CA PHE B 171 -14.15 38.47 5.97
C PHE B 171 -14.90 39.36 4.97
N ASP B 180 -8.22 43.76 10.43
CA ASP B 180 -7.46 42.51 10.42
C ASP B 180 -8.36 41.29 10.55
N CYS B 181 -7.78 40.11 10.28
CA CYS B 181 -8.50 38.83 10.31
C CYS B 181 -7.52 37.66 10.43
N ILE B 182 -7.93 36.67 11.25
CA ILE B 182 -7.27 35.36 11.36
C ILE B 182 -8.32 34.27 11.20
N SER B 183 -7.94 33.17 10.58
CA SER B 183 -8.84 32.03 10.42
C SER B 183 -8.12 30.74 10.77
N VAL B 184 -8.93 29.74 11.14
CA VAL B 184 -8.44 28.39 11.42
C VAL B 184 -9.30 27.38 10.69
N GLU B 185 -8.73 26.21 10.45
CA GLU B 185 -9.43 25.15 9.73
C GLU B 185 -9.26 23.82 10.43
N ILE B 186 -10.38 23.23 10.82
CA ILE B 186 -10.43 21.92 11.42
C ILE B 186 -10.85 20.91 10.37
N LYS B 187 -10.11 19.81 10.28
CA LYS B 187 -10.54 18.66 9.50
C LYS B 187 -10.81 17.54 10.48
N PRO B 188 -12.05 17.41 10.98
CA PRO B 188 -12.28 16.54 12.14
C PRO B 188 -12.24 15.05 11.84
N LYS B 189 -12.57 14.60 10.63
CA LYS B 189 -12.62 13.16 10.32
C LYS B 189 -13.82 12.55 11.04
N CYS B 190 -13.97 11.22 11.03
CA CYS B 190 -15.17 10.60 11.56
C CYS B 190 -15.14 10.58 13.09
N GLY B 191 -16.22 11.04 13.70
CA GLY B 191 -16.21 11.35 15.11
C GLY B 191 -17.15 10.51 15.93
N PHE B 192 -17.39 9.27 15.50
CA PHE B 192 -18.23 8.36 16.25
C PHE B 192 -17.71 6.91 16.16
N LEU B 193 -18.20 6.08 17.04
CA LEU B 193 -17.73 4.71 16.81
C LEU B 193 -18.83 3.88 16.18
N PRO B 194 -18.47 2.93 15.33
CA PRO B 194 -19.46 2.02 14.77
C PRO B 194 -20.07 1.08 15.79
N THR B 195 -21.32 0.73 15.55
CA THR B 195 -21.96 -0.39 16.25
C THR B 195 -22.17 -1.61 15.37
N SER B 196 -22.21 -1.44 14.06
CA SER B 196 -22.52 -2.46 13.05
C SER B 196 -22.29 -3.89 13.51
N ARG B 197 -23.37 -4.66 13.57
CA ARG B 197 -23.33 -6.10 13.78
C ARG B 197 -22.54 -6.83 12.70
N PHE B 198 -22.14 -6.16 11.63
CA PHE B 198 -21.34 -6.81 10.62
C PHE B 198 -19.85 -6.76 10.96
N ILE B 199 -19.47 -5.89 11.89
CA ILE B 199 -18.10 -5.83 12.40
C ILE B 199 -17.85 -7.08 13.24
N GLY B 200 -16.94 -7.94 12.78
CA GLY B 200 -16.71 -9.20 13.45
C GLY B 200 -16.01 -9.02 14.78
N LYS B 201 -15.87 -10.14 15.51
CA LYS B 201 -15.30 -10.11 16.86
C LYS B 201 -13.80 -9.87 16.84
N GLU B 202 -13.11 -10.39 15.84
CA GLU B 202 -11.70 -10.08 15.68
C GLU B 202 -11.48 -8.58 15.53
N ASN B 203 -12.34 -7.90 14.77
CA ASN B 203 -12.24 -6.47 14.53
C ASN B 203 -12.90 -5.66 15.65
N MET B 204 -12.86 -6.16 16.88
CA MET B 204 -13.63 -5.55 17.96
C MET B 204 -13.22 -4.11 18.22
N LEU B 205 -11.99 -3.75 17.90
CA LEU B 205 -11.56 -2.45 18.34
C LEU B 205 -12.15 -1.32 17.50
N LYS B 206 -12.80 -1.64 16.39
CA LYS B 206 -13.46 -0.58 15.65
C LYS B 206 -14.60 -0.02 16.47
N THR B 207 -15.17 -0.84 17.36
CA THR B 207 -16.26 -0.46 18.25
C THR B 207 -15.80 0.22 19.53
N SER B 208 -14.51 0.16 19.88
CA SER B 208 -14.05 0.85 21.07
C SER B 208 -12.97 1.88 20.81
N VAL B 209 -12.19 1.79 19.73
CA VAL B 209 -11.22 2.82 19.35
C VAL B 209 -11.69 3.52 18.09
N SER B 210 -11.58 4.85 18.08
CA SER B 210 -12.02 5.60 16.92
C SER B 210 -11.19 5.21 15.72
N ARG B 211 -11.79 5.31 14.52
CA ARG B 211 -11.01 5.01 13.32
C ARG B 211 -9.83 5.95 13.23
N PHE B 212 -10.00 7.21 13.61
CA PHE B 212 -8.90 8.15 13.46
C PHE B 212 -7.63 7.65 14.18
N LYS B 213 -7.76 7.29 15.47
CA LYS B 213 -6.61 6.89 16.27
C LYS B 213 -5.95 5.63 15.70
N MET B 214 -6.74 4.58 15.47
CA MET B 214 -6.23 3.37 14.79
C MET B 214 -5.50 3.71 13.51
N HIS B 215 -5.96 4.75 12.82
CA HIS B 215 -5.43 5.18 11.53
C HIS B 215 -4.06 5.82 11.68
N GLN B 216 -3.76 6.36 12.87
CA GLN B 216 -2.50 7.07 13.06
C GLN B 216 -1.32 6.11 13.06
N LEU B 217 -1.50 4.90 13.58
CA LEU B 217 -0.37 3.98 13.63
C LEU B 217 -0.04 3.43 12.26
N LEU B 218 -1.02 3.43 11.35
CA LEU B 218 -0.78 3.08 9.96
C LEU B 218 -0.10 4.22 9.22
N LYS B 219 -0.63 5.44 9.40
CA LYS B 219 0.02 6.62 8.84
C LYS B 219 1.47 6.71 9.26
N LEU B 220 1.77 6.28 10.49
CA LEU B 220 3.15 6.24 10.96
C LEU B 220 3.96 5.22 10.15
N GLU B 221 3.75 3.94 10.41
CA GLU B 221 4.29 2.88 9.56
C GLU B 221 4.66 3.30 8.14
N TYR B 222 3.89 4.22 7.55
CA TYR B 222 4.14 4.64 6.18
C TYR B 222 4.80 6.00 6.09
N ILE B 223 5.21 6.59 7.22
CA ILE B 223 6.14 7.73 7.21
C ILE B 223 5.46 9.02 6.73
N GLU B 224 4.13 9.13 6.94
CA GLU B 224 3.34 10.28 6.50
C GLU B 224 3.11 11.30 7.60
N ILE B 225 3.35 10.90 8.85
CA ILE B 225 3.33 11.76 10.03
C ILE B 225 4.44 11.25 10.94
N SER B 226 5.00 12.17 11.73
CA SER B 226 6.12 11.86 12.59
C SER B 226 5.74 11.87 14.06
N GLU B 227 4.61 11.25 14.39
CA GLU B 227 4.06 11.29 15.74
C GLU B 227 2.59 10.94 15.72
N GLU B 228 2.15 10.01 16.54
CA GLU B 228 0.72 9.82 16.76
C GLU B 228 0.10 11.15 17.17
N SER B 229 -1.03 11.51 16.54
CA SER B 229 -1.65 12.81 16.80
C SER B 229 -2.33 12.86 18.18
N GLU B 230 -2.28 14.04 18.77
CA GLU B 230 -2.91 14.26 20.07
C GLU B 230 -4.39 14.63 19.96
N TYR B 231 -4.98 14.53 18.78
CA TYR B 231 -6.38 14.85 18.59
C TYR B 231 -7.20 13.56 18.61
N ASP B 232 -8.43 13.67 19.11
CA ASP B 232 -9.37 12.55 19.02
C ASP B 232 -10.75 13.05 18.59
N PRO B 233 -11.30 12.52 17.49
CA PRO B 233 -12.64 12.99 17.06
C PRO B 233 -13.76 12.60 18.02
N LEU B 234 -13.48 11.77 19.03
CA LEU B 234 -14.53 11.52 20.01
C LEU B 234 -14.68 12.67 20.98
N ASP B 235 -13.67 13.51 21.12
CA ASP B 235 -13.79 14.70 21.96
C ASP B 235 -14.42 15.86 21.22
N LEU B 236 -13.94 16.15 20.02
CA LEU B 236 -14.42 17.31 19.29
C LEU B 236 -15.90 17.20 18.94
N PHE B 237 -16.39 15.99 18.71
CA PHE B 237 -17.81 15.80 18.48
C PHE B 237 -18.55 15.45 19.74
N SER B 238 -17.87 15.51 20.89
CA SER B 238 -18.34 14.91 22.12
C SER B 238 -19.43 15.71 22.82
N GLY B 239 -19.84 16.84 22.25
CA GLY B 239 -20.88 17.62 22.91
C GLY B 239 -20.42 18.24 24.22
N SER B 240 -19.64 17.52 25.04
CA SER B 240 -18.98 18.10 26.20
C SER B 240 -18.14 19.31 25.83
N LYS B 241 -18.62 20.50 26.20
CA LYS B 241 -17.92 21.75 25.91
C LYS B 241 -16.48 21.72 26.40
N GLU B 242 -16.14 20.76 27.26
CA GLU B 242 -14.82 20.65 27.86
C GLU B 242 -13.88 19.84 26.98
N ARG B 243 -14.28 18.63 26.57
CA ARG B 243 -13.47 17.84 25.65
C ARG B 243 -13.28 18.53 24.29
N VAL B 244 -14.13 19.49 23.96
CA VAL B 244 -13.97 20.28 22.73
C VAL B 244 -12.79 21.24 22.87
N LEU B 245 -12.81 22.10 23.89
CA LEU B 245 -11.63 22.90 24.22
C LEU B 245 -10.36 22.07 24.33
N GLU B 246 -10.51 20.78 24.65
CA GLU B 246 -9.41 19.82 24.68
C GLU B 246 -8.85 19.59 23.28
N ALA B 247 -9.66 18.94 22.43
CA ALA B 247 -9.16 18.58 21.11
C ALA B 247 -8.72 19.80 20.34
N ILE B 248 -9.34 20.96 20.59
CA ILE B 248 -8.87 22.20 19.97
C ILE B 248 -7.44 22.49 20.39
N LYS B 249 -7.13 22.25 21.66
CA LYS B 249 -5.74 22.33 22.12
C LYS B 249 -4.87 21.25 21.47
N ALA B 250 -5.38 20.02 21.37
CA ALA B 250 -4.63 18.97 20.68
C ALA B 250 -4.32 19.36 19.23
N LEU B 251 -5.30 19.90 18.51
CA LEU B 251 -5.08 20.31 17.12
C LEU B 251 -3.93 21.31 17.02
N TYR B 252 -3.95 22.33 17.87
CA TYR B 252 -2.83 23.28 17.92
C TYR B 252 -1.48 22.57 18.07
N SER B 253 -1.44 21.47 18.84
CA SER B 253 -0.16 20.91 19.24
C SER B 253 0.43 19.95 18.23
N THR B 254 -0.41 19.10 17.63
CA THR B 254 -0.05 18.28 16.48
C THR B 254 -1.14 18.59 15.47
N PRO B 255 -0.95 19.63 14.64
CA PRO B 255 -2.01 19.95 13.68
C PRO B 255 -2.05 18.98 12.52
N GLN B 256 -0.92 18.37 12.17
CA GLN B 256 -0.87 17.55 10.98
C GLN B 256 -1.65 18.22 9.85
N ASN B 257 -2.69 17.54 9.34
CA ASN B 257 -3.51 18.07 8.27
C ASN B 257 -4.95 18.28 8.72
N ASN B 258 -5.16 18.40 10.03
CA ASN B 258 -6.51 18.58 10.57
C ASN B 258 -6.69 19.96 11.20
N PHE B 259 -5.64 20.76 11.31
CA PHE B 259 -5.73 22.05 11.96
C PHE B 259 -4.78 23.01 11.27
N ARG B 260 -5.28 24.21 10.99
CA ARG B 260 -4.51 25.20 10.25
C ARG B 260 -4.90 26.57 10.76
N VAL B 261 -3.90 27.46 10.90
CA VAL B 261 -4.14 28.85 11.25
C VAL B 261 -3.67 29.73 10.09
N PHE B 262 -4.46 30.76 9.78
CA PHE B 262 -4.26 31.62 8.62
C PHE B 262 -4.32 33.06 9.07
N LEU B 263 -3.18 33.78 8.97
CA LEU B 263 -3.15 35.22 9.18
C LEU B 263 -3.41 35.94 7.86
N ASN B 264 -4.45 36.78 7.82
CA ASN B 264 -4.79 37.56 6.64
C ASN B 264 -4.64 36.71 5.37
N GLY B 265 -5.29 35.54 5.40
CA GLY B 265 -5.26 34.65 4.25
C GLY B 265 -3.90 34.07 3.96
N SER B 266 -3.07 33.92 4.99
CA SER B 266 -1.72 33.36 4.86
C SER B 266 -1.44 32.40 6.01
N LEU B 267 -0.75 31.30 5.70
CA LEU B 267 -0.60 30.18 6.62
C LEU B 267 0.43 30.48 7.71
N ILE B 268 -0.01 30.51 8.97
CA ILE B 268 0.85 30.78 10.12
C ILE B 268 0.94 29.58 11.07
N LEU B 269 0.39 28.42 10.68
CA LEU B 269 0.53 27.18 11.42
C LEU B 269 -0.21 26.08 10.66
N GLY B 270 0.41 24.92 10.49
CA GLY B 270 -0.20 23.85 9.73
C GLY B 270 0.42 23.71 8.36
N GLY B 271 0.20 22.55 7.76
CA GLY B 271 0.85 22.25 6.49
C GLY B 271 0.23 23.03 5.33
N SER B 272 1.09 23.41 4.37
CA SER B 272 0.65 24.01 3.11
C SER B 272 0.51 22.89 2.08
N GLY B 273 -0.74 22.58 1.70
CA GLY B 273 -1.07 21.53 0.76
C GLY B 273 -0.78 20.12 1.23
N GLU B 274 0.04 20.01 2.29
CA GLU B 274 0.54 18.75 2.86
C GLU B 274 0.34 18.75 4.37
N SER B 275 1.18 18.04 5.11
CA SER B 275 1.10 17.99 6.57
C SER B 275 2.28 18.71 7.21
N THR B 276 2.09 19.03 8.49
CA THR B 276 3.06 19.73 9.31
C THR B 276 3.18 19.03 10.68
N GLY B 277 4.40 19.02 11.22
CA GLY B 277 4.71 18.25 12.41
C GLY B 277 4.40 18.97 13.69
N ARG B 278 4.62 18.26 14.80
CA ARG B 278 4.30 18.76 16.14
C ARG B 278 4.77 20.21 16.29
N THR B 279 4.01 20.99 17.04
CA THR B 279 4.34 22.39 17.22
C THR B 279 5.45 22.48 18.27
N SER B 280 6.65 22.83 17.82
CA SER B 280 7.81 22.92 18.68
C SER B 280 7.78 24.23 19.44
N PRO B 281 8.66 24.41 20.42
CA PRO B 281 8.79 25.74 21.03
C PRO B 281 9.12 26.80 19.98
N GLU B 282 10.13 26.56 19.14
CA GLU B 282 10.42 27.53 18.08
C GLU B 282 9.17 27.86 17.27
N ILE B 283 8.47 26.82 16.77
CA ILE B 283 7.16 27.04 16.15
C ILE B 283 6.24 27.78 17.10
N GLY B 284 6.11 27.26 18.33
CA GLY B 284 5.17 27.85 19.28
C GLY B 284 5.46 29.32 19.57
N TYR B 285 6.74 29.65 19.80
CA TYR B 285 7.12 31.05 19.91
C TYR B 285 6.76 31.79 18.62
N ALA B 286 7.21 31.26 17.48
CA ALA B 286 6.91 31.88 16.19
C ALA B 286 5.43 32.24 16.09
N PHE B 287 4.54 31.26 16.30
CA PHE B 287 3.11 31.54 16.27
C PHE B 287 2.66 32.31 17.50
N GLU B 288 3.20 31.97 18.68
CA GLU B 288 2.81 32.67 19.91
C GLU B 288 2.97 34.17 19.74
N ASP B 289 4.17 34.61 19.42
CA ASP B 289 4.37 36.01 19.06
C ASP B 289 3.51 36.39 17.85
N ALA B 290 3.28 35.44 16.94
CA ALA B 290 2.49 35.67 15.73
C ALA B 290 1.01 35.99 16.03
N LEU B 291 0.55 35.80 17.25
CA LEU B 291 -0.79 36.24 17.61
C LEU B 291 -0.84 37.72 17.97
N LYS B 292 0.29 38.43 17.87
CA LYS B 292 0.36 39.84 18.19
C LYS B 292 -0.49 40.67 17.24
N GLY B 293 -0.89 41.86 17.70
CA GLY B 293 -1.77 42.71 16.92
C GLY B 293 -3.12 42.08 16.63
N PHE B 294 -3.72 41.41 17.62
CA PHE B 294 -4.95 40.67 17.42
C PHE B 294 -5.45 40.07 18.73
N ILE B 295 -4.63 39.24 19.38
CA ILE B 295 -4.94 38.73 20.71
C ILE B 295 -4.30 39.64 21.74
N GLN B 296 -4.97 40.73 22.09
CA GLN B 296 -4.44 41.65 23.07
C GLN B 296 -4.14 40.96 24.39
N SER B 297 -2.94 40.39 24.50
CA SER B 297 -2.46 39.81 25.74
C SER B 297 -0.94 39.84 25.72
N GLU B 298 -0.36 39.75 26.92
CA GLU B 298 1.09 39.86 27.06
C GLU B 298 1.77 38.66 26.40
N ASP B 299 3.07 38.84 26.10
CA ASP B 299 3.87 37.79 25.47
C ASP B 299 3.81 36.50 26.27
N GLY B 300 3.24 35.46 25.68
CA GLY B 300 3.10 34.18 26.34
C GLY B 300 1.69 33.80 26.75
N HIS B 301 0.72 34.70 26.61
CA HIS B 301 -0.66 34.39 26.97
C HIS B 301 -1.61 34.45 25.79
N ARG B 302 -1.12 34.80 24.60
CA ARG B 302 -2.02 34.96 23.47
C ARG B 302 -2.52 33.60 22.94
N THR B 303 -1.61 32.63 22.81
CA THR B 303 -1.95 31.35 22.18
C THR B 303 -3.08 30.65 22.93
N GLU B 304 -2.91 30.41 24.24
CA GLU B 304 -4.00 29.82 25.02
C GLU B 304 -5.26 30.67 24.92
N CYS B 305 -5.11 32.01 24.91
CA CYS B 305 -6.23 32.87 24.56
C CYS B 305 -6.83 32.46 23.22
N PHE B 306 -6.00 32.43 22.19
CA PHE B 306 -6.42 32.00 20.86
C PHE B 306 -7.17 30.68 20.88
N LEU B 307 -6.66 29.69 21.64
CA LEU B 307 -7.34 28.41 21.67
C LEU B 307 -8.66 28.48 22.39
N GLN B 308 -8.75 29.29 23.44
CA GLN B 308 -10.06 29.49 24.03
C GLN B 308 -11.06 29.98 22.99
N LEU B 309 -10.60 30.79 22.03
CA LEU B 309 -11.50 31.34 21.02
C LEU B 309 -12.03 30.25 20.08
N VAL B 310 -11.13 29.47 19.48
CA VAL B 310 -11.54 28.44 18.53
C VAL B 310 -12.45 27.42 19.21
N SER B 311 -12.11 27.03 20.45
CA SER B 311 -13.01 26.20 21.23
C SER B 311 -14.39 26.84 21.33
N ASP B 312 -14.43 28.10 21.76
CA ASP B 312 -15.71 28.78 21.93
C ASP B 312 -16.42 28.92 20.60
N ALA B 313 -15.68 29.26 19.54
CA ALA B 313 -16.25 29.38 18.21
C ALA B 313 -16.89 28.07 17.75
N VAL B 314 -16.16 26.96 17.86
CA VAL B 314 -16.65 25.66 17.41
C VAL B 314 -17.90 25.26 18.18
N TYR B 315 -17.78 25.11 19.50
CA TYR B 315 -18.95 24.80 20.32
C TYR B 315 -20.00 25.89 20.16
N GLY B 316 -19.57 27.14 20.12
CA GLY B 316 -20.45 28.28 19.94
C GLY B 316 -21.45 28.06 18.84
N SER B 317 -20.97 27.82 17.61
CA SER B 317 -21.88 27.65 16.48
C SER B 317 -22.61 26.31 16.52
N GLY B 318 -22.10 25.33 17.26
CA GLY B 318 -22.73 24.03 17.30
C GLY B 318 -22.89 23.48 15.89
N VAL B 319 -21.94 23.84 15.03
CA VAL B 319 -21.95 23.41 13.65
C VAL B 319 -21.68 21.92 13.51
N LEU B 320 -21.21 21.28 14.57
CA LEU B 320 -20.80 19.88 14.54
C LEU B 320 -21.96 18.91 14.72
N ASP B 321 -22.92 19.19 15.62
CA ASP B 321 -24.03 18.26 15.77
C ASP B 321 -24.63 17.93 14.41
N ARG B 322 -24.85 18.94 13.57
CA ARG B 322 -25.35 18.68 12.22
C ARG B 322 -24.46 17.69 11.50
N LEU B 323 -23.18 18.01 11.39
CA LEU B 323 -22.26 17.17 10.62
C LEU B 323 -22.19 15.77 11.18
N LEU B 324 -22.22 15.63 12.51
CA LEU B 324 -22.12 14.30 13.12
C LEU B 324 -23.28 13.42 12.71
N GLU B 325 -24.48 14.00 12.55
CA GLU B 325 -25.58 13.20 12.03
C GLU B 325 -25.28 12.72 10.61
N ILE B 326 -24.91 13.64 9.70
CA ILE B 326 -24.63 13.21 8.33
C ILE B 326 -23.65 12.05 8.34
N GLN B 327 -22.52 12.24 9.04
CA GLN B 327 -21.50 11.19 9.11
C GLN B 327 -22.11 9.88 9.59
N LYS B 328 -23.04 9.97 10.55
CA LYS B 328 -23.74 8.82 11.11
C LYS B 328 -24.69 8.16 10.12
N LEU B 329 -24.76 8.66 8.88
CA LEU B 329 -25.48 7.94 7.85
C LEU B 329 -24.77 6.66 7.43
N ASP B 330 -23.59 6.37 8.00
CA ASP B 330 -22.82 5.14 7.76
C ASP B 330 -23.18 4.10 8.82
N LYS B 331 -24.41 3.57 8.69
CA LYS B 331 -25.03 2.79 9.77
C LYS B 331 -24.38 1.41 9.93
N LEU B 332 -23.99 0.77 8.82
CA LEU B 332 -23.40 -0.55 8.89
C LEU B 332 -21.90 -0.52 8.70
N ASP B 333 -21.26 0.65 8.69
CA ASP B 333 -19.80 0.69 8.59
C ASP B 333 -19.38 0.13 7.24
N ILE B 334 -18.11 0.28 6.86
CA ILE B 334 -17.68 -0.26 5.57
C ILE B 334 -17.89 -1.77 5.49
N GLU B 335 -17.68 -2.49 6.60
CA GLU B 335 -17.76 -3.96 6.60
C GLU B 335 -19.16 -4.47 6.30
N GLY B 336 -20.17 -3.66 6.54
CA GLY B 336 -21.48 -3.96 5.98
C GLY B 336 -21.69 -3.44 4.56
N ALA B 337 -21.56 -2.13 4.37
CA ALA B 337 -21.89 -1.48 3.10
C ALA B 337 -21.21 -2.10 1.90
N ILE B 338 -20.16 -2.90 2.08
CA ILE B 338 -19.44 -3.43 0.94
C ILE B 338 -20.24 -4.53 0.25
N HIS B 339 -20.93 -5.36 1.05
CA HIS B 339 -21.75 -6.41 0.48
C HIS B 339 -22.81 -5.84 -0.48
N CYS B 340 -23.41 -4.71 -0.10
CA CYS B 340 -24.30 -4.00 -1.02
C CYS B 340 -23.53 -3.47 -2.22
N TYR B 341 -22.36 -2.89 -1.98
CA TYR B 341 -21.56 -2.33 -3.06
C TYR B 341 -21.48 -3.27 -4.24
N TYR B 342 -21.28 -4.56 -3.99
CA TYR B 342 -21.19 -5.52 -5.10
C TYR B 342 -22.56 -5.74 -5.76
N ASP B 343 -23.58 -6.11 -4.99
CA ASP B 343 -24.93 -6.20 -5.54
C ASP B 343 -25.29 -5.03 -6.47
N ILE B 344 -25.01 -3.80 -6.01
CA ILE B 344 -25.25 -2.61 -6.82
C ILE B 344 -24.48 -2.65 -8.14
N ILE B 345 -23.29 -3.29 -8.14
CA ILE B 345 -22.46 -3.37 -9.34
C ILE B 345 -22.44 -4.81 -9.90
N ASN B 346 -23.61 -5.29 -10.36
CA ASN B 346 -23.89 -6.70 -10.62
C ASN B 346 -22.68 -7.65 -10.66
N GLN B 347 -21.76 -7.55 -9.70
CA GLN B 347 -20.69 -8.54 -9.51
C GLN B 347 -20.83 -9.20 -8.15
N PRO B 348 -20.61 -10.50 -8.05
CA PRO B 348 -20.96 -11.21 -6.82
C PRO B 348 -19.95 -10.92 -5.72
N CYS B 349 -20.35 -11.24 -4.51
CA CYS B 349 -19.61 -10.80 -3.35
C CYS B 349 -18.39 -11.66 -3.05
N PRO B 350 -17.19 -11.13 -3.27
CA PRO B 350 -15.98 -11.79 -2.75
C PRO B 350 -15.95 -11.95 -1.24
N ILE B 351 -16.46 -10.96 -0.50
CA ILE B 351 -16.50 -11.04 0.95
C ILE B 351 -17.35 -12.19 1.47
N CYS B 352 -18.09 -12.90 0.59
CA CYS B 352 -19.01 -13.96 0.98
C CYS B 352 -18.60 -15.34 0.46
N LYS B 353 -17.32 -15.54 0.13
CA LYS B 353 -16.85 -16.88 -0.23
C LYS B 353 -16.71 -17.71 1.05
N GLU B 354 -17.87 -18.11 1.59
CA GLU B 354 -17.98 -18.95 2.80
C GLU B 354 -17.35 -18.31 4.03
N GLU B 361 -23.74 -13.73 3.02
CA GLU B 361 -24.49 -12.85 3.90
C GLU B 361 -25.97 -12.80 3.55
N LEU B 362 -26.63 -13.96 3.60
CA LEU B 362 -28.08 -14.03 3.47
C LEU B 362 -28.74 -12.68 3.70
N SER B 363 -28.43 -12.03 4.83
CA SER B 363 -29.13 -10.82 5.26
C SER B 363 -29.03 -9.66 4.27
N LEU B 364 -27.83 -9.10 4.11
CA LEU B 364 -27.71 -7.89 3.29
C LEU B 364 -27.97 -8.20 1.81
N HIS B 365 -27.41 -9.30 1.29
CA HIS B 365 -27.52 -9.66 -0.12
C HIS B 365 -28.90 -10.08 -0.53
N ALA B 366 -29.91 -9.95 0.33
CA ALA B 366 -31.28 -10.25 -0.01
C ALA B 366 -32.22 -9.08 0.28
N LEU B 367 -31.68 -7.92 0.68
CA LEU B 367 -32.47 -6.72 0.68
C LEU B 367 -33.00 -6.47 -0.73
N PRO B 368 -34.10 -5.72 -0.84
CA PRO B 368 -34.53 -5.25 -2.15
C PRO B 368 -33.54 -4.25 -2.72
N LEU B 369 -33.45 -4.23 -4.05
CA LEU B 369 -32.43 -3.41 -4.68
C LEU B 369 -32.56 -1.95 -4.28
N ASP B 370 -33.78 -1.46 -4.06
CA ASP B 370 -33.91 -0.06 -3.66
C ASP B 370 -33.23 0.19 -2.32
N GLU B 371 -33.14 -0.83 -1.47
CA GLU B 371 -32.50 -0.69 -0.16
C GLU B 371 -30.99 -0.67 -0.29
N SER B 372 -30.44 -1.54 -1.15
CA SER B 372 -29.02 -1.55 -1.43
C SER B 372 -28.52 -0.18 -1.87
N LEU B 373 -29.32 0.52 -2.69
CA LEU B 373 -28.95 1.83 -3.18
C LEU B 373 -28.99 2.87 -2.05
N LYS B 374 -30.05 2.86 -1.25
CA LYS B 374 -30.15 3.75 -0.08
C LYS B 374 -28.88 3.66 0.76
N ILE B 375 -28.38 2.44 0.99
CA ILE B 375 -27.26 2.24 1.89
C ILE B 375 -25.96 2.78 1.29
N VAL B 376 -25.74 2.53 0.00
CA VAL B 376 -24.50 2.97 -0.66
C VAL B 376 -24.52 4.47 -0.90
N LYS B 377 -25.63 5.02 -1.38
CA LYS B 377 -25.76 6.48 -1.47
C LYS B 377 -25.50 7.13 -0.11
N GLU B 378 -25.80 6.43 0.98
CA GLU B 378 -25.62 7.07 2.28
C GLU B 378 -24.22 6.80 2.81
N TYR B 379 -23.70 5.59 2.64
CA TYR B 379 -22.28 5.40 2.95
C TYR B 379 -21.46 6.42 2.19
N LEU B 380 -21.78 6.63 0.92
CA LEU B 380 -21.08 7.62 0.12
C LEU B 380 -21.33 9.01 0.64
N ILE B 381 -22.57 9.32 0.99
CA ILE B 381 -22.82 10.68 1.46
C ILE B 381 -22.13 10.85 2.79
N ALA B 382 -21.97 9.77 3.54
CA ALA B 382 -21.34 9.87 4.84
C ALA B 382 -19.82 10.05 4.70
N ALA B 383 -19.18 9.31 3.81
CA ALA B 383 -17.82 9.63 3.41
C ALA B 383 -17.61 11.14 3.21
N THR B 384 -18.50 11.78 2.47
CA THR B 384 -18.35 13.20 2.21
C THR B 384 -18.30 14.00 3.50
N ALA B 385 -19.11 13.62 4.49
CA ALA B 385 -19.13 14.33 5.77
C ALA B 385 -17.85 14.14 6.56
N LYS B 386 -17.32 12.91 6.57
CA LYS B 386 -16.14 12.56 7.36
C LYS B 386 -14.89 13.28 6.90
N ASP B 387 -14.84 13.65 5.61
CA ASP B 387 -13.65 14.19 4.97
C ASP B 387 -13.77 15.67 4.67
N CYS B 388 -14.88 16.31 5.02
CA CYS B 388 -14.91 17.75 4.80
C CYS B 388 -14.09 18.48 5.87
N SER B 389 -14.01 19.78 5.73
CA SER B 389 -13.33 20.61 6.72
C SER B 389 -14.26 21.75 7.10
N ILE B 390 -13.98 22.35 8.26
CA ILE B 390 -14.66 23.58 8.70
C ILE B 390 -13.68 24.75 8.65
N MET B 391 -14.23 25.94 8.46
CA MET B 391 -13.46 27.14 8.24
C MET B 391 -14.04 28.27 9.07
N ILE B 392 -13.34 28.67 10.12
CA ILE B 392 -13.78 29.78 10.96
C ILE B 392 -12.77 30.91 10.82
N SER B 393 -13.28 32.08 10.40
CA SER B 393 -12.54 33.34 10.30
C SER B 393 -13.06 34.32 11.35
N PHE B 394 -12.14 35.13 11.88
CA PHE B 394 -12.47 36.12 12.89
C PHE B 394 -12.04 37.51 12.43
N GLN B 395 -12.90 38.49 12.68
CA GLN B 395 -12.59 39.90 12.49
C GLN B 395 -12.40 40.55 13.85
N SER B 396 -11.32 41.29 14.00
CA SER B 396 -11.08 41.96 15.27
C SER B 396 -11.90 43.25 15.35
N ARG B 397 -12.43 43.52 16.55
CA ARG B 397 -13.11 44.78 16.83
C ARG B 397 -12.15 45.90 17.20
N ASN B 398 -10.85 45.61 17.32
CA ASN B 398 -9.86 46.64 17.55
C ASN B 398 -9.42 47.32 16.26
N ALA B 399 -9.60 46.66 15.11
CA ALA B 399 -9.37 47.28 13.80
C ALA B 399 -10.67 47.95 13.36
N TRP B 400 -10.69 49.29 13.39
CA TRP B 400 -11.94 50.04 13.23
C TRP B 400 -12.73 49.66 11.99
N ASP B 401 -12.09 49.07 10.96
CA ASP B 401 -12.80 48.62 9.76
C ASP B 401 -13.58 47.33 10.03
N SER B 402 -14.44 47.41 11.05
CA SER B 402 -15.13 46.25 11.62
C SER B 402 -16.63 46.45 11.56
N GLU B 403 -17.33 45.53 10.88
CA GLU B 403 -18.79 45.48 10.80
C GLU B 403 -19.34 44.64 11.95
N PRO B 404 -19.73 45.24 13.07
CA PRO B 404 -20.30 44.45 14.18
C PRO B 404 -21.45 43.56 13.72
N SER B 405 -21.43 42.29 14.18
CA SER B 405 -22.45 41.31 13.79
C SER B 405 -22.74 40.37 14.96
N GLY B 406 -23.62 39.38 14.73
CA GLY B 406 -24.18 38.58 15.81
C GLY B 406 -23.41 37.31 16.16
N ASP B 407 -22.54 36.87 15.27
CA ASP B 407 -21.70 35.71 15.51
C ASP B 407 -20.33 36.22 15.95
N TYR B 408 -20.04 36.08 17.24
CA TYR B 408 -18.90 36.76 17.83
C TYR B 408 -18.65 36.18 19.21
N VAL B 409 -17.39 36.29 19.67
CA VAL B 409 -16.93 35.60 20.86
C VAL B 409 -16.74 36.60 21.99
N SER B 410 -17.26 36.26 23.15
CA SER B 410 -16.98 36.99 24.38
C SER B 410 -15.78 36.33 25.04
N LEU B 411 -14.63 37.01 24.97
CA LEU B 411 -13.36 36.51 25.49
C LEU B 411 -12.93 37.40 26.67
N LYS B 412 -13.41 37.04 27.88
CA LYS B 412 -13.14 37.85 29.06
C LYS B 412 -11.66 37.94 29.40
N PRO B 413 -10.84 36.91 29.19
CA PRO B 413 -9.38 37.06 29.36
C PRO B 413 -8.74 38.25 28.63
N THR B 414 -9.38 38.80 27.59
CA THR B 414 -8.89 40.04 26.97
C THR B 414 -9.98 41.11 26.91
N ASN B 415 -11.11 40.91 27.58
CA ASN B 415 -12.21 41.87 27.50
C ASN B 415 -12.39 42.30 26.04
N GLN B 416 -12.23 41.33 25.14
CA GLN B 416 -12.24 41.55 23.71
C GLN B 416 -13.42 40.83 23.08
N THR B 417 -13.72 41.20 21.85
CA THR B 417 -14.78 40.54 21.11
C THR B 417 -14.35 40.42 19.65
N PHE B 418 -14.52 39.24 19.09
CA PHE B 418 -14.25 38.99 17.68
C PHE B 418 -15.49 38.44 17.01
N ASP B 419 -15.75 38.88 15.79
CA ASP B 419 -16.80 38.32 14.95
C ASP B 419 -16.26 37.16 14.14
N TYR B 420 -17.04 36.09 14.04
CA TYR B 420 -16.60 34.89 13.34
C TYR B 420 -17.62 34.45 12.30
N LYS B 421 -17.13 33.72 11.30
CA LYS B 421 -17.98 33.02 10.36
C LYS B 421 -17.55 31.55 10.32
N VAL B 422 -18.43 30.70 9.81
CA VAL B 422 -18.16 29.26 9.81
C VAL B 422 -18.80 28.64 8.58
N HIS B 423 -17.99 27.92 7.79
CA HIS B 423 -18.40 27.32 6.52
C HIS B 423 -17.83 25.91 6.36
N PHE B 424 -18.49 25.12 5.52
CA PHE B 424 -18.10 23.75 5.17
C PHE B 424 -17.43 23.73 3.82
N ILE B 425 -16.27 23.07 3.73
CA ILE B 425 -15.52 23.01 2.48
C ILE B 425 -15.12 21.57 2.20
N ASP B 426 -14.77 21.31 0.93
CA ASP B 426 -14.50 19.97 0.45
C ASP B 426 -15.70 19.07 0.73
N LEU B 427 -16.87 19.52 0.24
CA LEU B 427 -18.09 18.71 0.23
C LEU B 427 -18.21 17.88 -1.04
N SER B 428 -17.09 17.41 -1.57
CA SER B 428 -17.10 16.72 -2.86
C SER B 428 -17.79 15.36 -2.77
N LEU B 429 -18.36 14.93 -3.90
CA LEU B 429 -19.01 13.63 -4.02
C LEU B 429 -17.99 12.55 -4.32
N LYS B 430 -18.11 11.45 -3.68
CA LYS B 430 -16.97 10.53 -3.71
C LYS B 430 -17.22 9.39 -4.66
N PRO B 431 -16.24 9.01 -5.48
CA PRO B 431 -16.46 7.96 -6.47
C PRO B 431 -16.90 6.63 -5.84
N LEU B 432 -18.09 6.18 -6.23
CA LEU B 432 -18.62 4.85 -5.95
C LEU B 432 -17.54 3.78 -5.89
N LYS B 433 -16.56 3.80 -6.81
CA LYS B 433 -15.57 2.73 -6.81
C LYS B 433 -14.61 2.83 -5.64
N ARG B 434 -14.43 4.01 -5.06
CA ARG B 434 -13.55 4.14 -3.91
C ARG B 434 -14.02 3.32 -2.73
N MET B 435 -15.22 2.75 -2.79
CA MET B 435 -15.71 1.83 -1.76
C MET B 435 -14.88 0.54 -1.71
N GLU B 436 -14.27 0.13 -2.83
CA GLU B 436 -13.38 -1.02 -2.76
C GLU B 436 -12.12 -0.69 -1.99
N SER B 437 -11.63 0.54 -2.13
CA SER B 437 -10.47 0.97 -1.35
C SER B 437 -10.87 1.34 0.07
N TYR B 438 -12.08 1.85 0.26
CA TYR B 438 -12.53 2.11 1.62
C TYR B 438 -12.41 0.84 2.45
N TYR B 439 -12.71 -0.31 1.85
CA TYR B 439 -12.76 -1.59 2.55
C TYR B 439 -11.39 -2.19 2.78
N LYS B 440 -10.50 -2.10 1.79
CA LYS B 440 -9.14 -2.59 1.93
C LYS B 440 -8.37 -1.77 2.96
N LEU B 441 -8.48 -0.44 2.89
CA LEU B 441 -7.86 0.41 3.91
C LEU B 441 -8.45 0.16 5.30
N ASP B 442 -9.76 -0.05 5.38
CA ASP B 442 -10.33 -0.47 6.65
C ASP B 442 -9.73 -1.79 7.09
N LYS B 443 -9.73 -2.78 6.20
CA LYS B 443 -9.22 -4.10 6.57
C LYS B 443 -7.79 -4.02 7.09
N LYS B 444 -6.97 -3.09 6.58
CA LYS B 444 -5.60 -3.05 7.10
C LYS B 444 -5.52 -2.30 8.43
N ILE B 445 -6.06 -1.08 8.51
CA ILE B 445 -6.02 -0.31 9.75
C ILE B 445 -6.33 -1.16 10.97
N ILE B 446 -7.37 -1.98 10.91
CA ILE B 446 -7.72 -2.82 12.06
C ILE B 446 -6.77 -4.02 12.17
N SER B 447 -6.50 -4.70 11.06
CA SER B 447 -5.44 -5.70 11.00
C SER B 447 -4.17 -5.22 11.73
N PHE B 448 -3.58 -4.12 11.25
CA PHE B 448 -2.33 -3.64 11.80
C PHE B 448 -2.50 -3.26 13.26
N TYR B 449 -3.54 -2.50 13.58
CA TYR B 449 -3.78 -2.14 14.97
C TYR B 449 -3.76 -3.38 15.85
N ASN B 450 -4.68 -4.32 15.60
CA ASN B 450 -4.74 -5.55 16.38
C ASN B 450 -3.37 -6.22 16.47
N ARG B 451 -2.62 -6.22 15.37
CA ARG B 451 -1.24 -6.69 15.42
C ARG B 451 -0.46 -5.99 16.52
N LYS B 452 -0.62 -4.65 16.64
CA LYS B 452 0.09 -3.85 17.64
C LYS B 452 -0.48 -3.97 19.06
N GLN B 453 -1.54 -4.78 19.28
CA GLN B 453 -1.94 -5.15 20.63
C GLN B 453 -1.38 -6.50 21.05
N LYS B 454 -1.04 -7.38 20.10
CA LYS B 454 -0.02 -8.37 20.41
C LYS B 454 1.25 -7.57 20.66
N ALA B 455 1.17 -6.70 21.64
CA ALA B 455 2.22 -5.77 22.01
C ALA B 455 1.88 -5.32 23.44
N GLU B 456 2.02 -6.28 24.36
CA GLU B 456 1.76 -6.16 25.80
C GLU B 456 3.02 -6.44 26.64
P1 KGN C . 17.44 -17.24 -9.67
P2 KGN C . 20.24 -14.42 -5.80
P3 KGN C . 18.19 -11.23 -5.67
P4 KGN C . 15.72 -9.84 -8.74
P5 KGN C . 14.56 -13.01 -11.30
P6 KGN C . 19.93 -14.11 -11.83
C1 KGN C . 18.33 -14.86 -8.87
C2 KGN C . 18.44 -13.90 -7.66
C3 KGN C . 17.15 -13.14 -7.39
C4 KGN C . 16.85 -12.30 -8.62
C5 KGN C . 16.60 -13.30 -9.74
C6 KGN C . 17.86 -14.14 -10.12
O11 KGN C . 17.41 -15.94 -8.69
O12 KGN C . 18.76 -14.52 -6.42
O13 KGN C . 17.17 -12.39 -6.15
O14 KGN C . 15.72 -11.44 -8.46
O15 KGN C . 16.01 -12.57 -10.81
O16 KGN C . 18.97 -13.42 -10.71
O21 KGN C . 18.65 -17.03 -10.54
O22 KGN C . 20.02 -14.32 -4.30
O23 KGN C . 17.28 -10.39 -4.79
O24 KGN C . 14.56 -9.61 -9.69
O25 KGN C . 14.55 -12.49 -12.70
O26 KGN C . 19.10 -14.16 -13.11
O31 KGN C . 17.49 -18.41 -8.71
O32 KGN C . 20.86 -13.21 -6.47
O33 KGN C . 18.69 -10.50 -6.91
O34 KGN C . 17.10 -9.55 -9.33
O35 KGN C . 13.65 -12.32 -10.33
O36 KGN C . 20.32 -15.46 -11.28
O41 KGN C . 16.16 -17.17 -10.46
O42 KGN C . 20.81 -15.74 -6.25
O43 KGN C . 19.28 -11.93 -4.90
O44 KGN C . 15.48 -9.22 -7.39
O45 KGN C . 14.57 -14.51 -11.19
O46 KGN C . 21.12 -13.16 -11.88
H1 KGN C . 19.33 -15.27 -9.07
H2 KGN C . 19.23 -13.16 -7.89
H3 KGN C . 16.36 -13.90 -7.31
H4 KGN C . 17.75 -11.71 -8.88
H5 KGN C . 15.84 -14.01 -9.37
H6 KGN C . 17.53 -14.90 -10.84
PB ADP D . 18.89 -20.06 -4.43
O1B ADP D . 19.19 -19.03 -3.36
O2B ADP D . 17.66 -19.63 -5.21
O3B ADP D . 20.11 -20.50 -5.19
PA ADP D . 17.17 -22.23 -3.60
O1A ADP D . 15.98 -21.30 -3.57
O2A ADP D . 17.25 -23.34 -2.57
O3A ADP D . 18.59 -21.43 -3.62
O5' ADP D . 17.14 -22.89 -5.05
C5' ADP D . 17.46 -24.24 -5.33
C4' ADP D . 16.35 -24.96 -6.11
O4' ADP D . 16.33 -26.33 -5.69
C3' ADP D . 14.94 -24.39 -5.89
O3' ADP D . 14.54 -23.52 -6.96
C2' ADP D . 14.07 -25.61 -5.66
O2' ADP D . 13.29 -26.06 -6.77
C1' ADP D . 15.02 -26.73 -5.30
N9 ADP D . 14.93 -26.85 -3.83
C8 ADP D . 15.52 -26.06 -2.94
N7 ADP D . 15.19 -26.43 -1.67
C5 ADP D . 14.39 -27.49 -1.79
C6 ADP D . 13.67 -28.36 -0.86
N6 ADP D . 13.82 -28.14 0.47
N1 ADP D . 12.91 -29.36 -1.36
C2 ADP D . 12.79 -29.56 -2.68
N3 ADP D . 13.41 -28.79 -3.58
C4 ADP D . 14.20 -27.77 -3.21
H5'1 ADP D . 17.62 -24.77 -4.38
H5'2 ADP D . 18.39 -24.29 -5.90
H4' ADP D . 16.58 -24.90 -7.18
H3' ADP D . 14.97 -23.81 -4.96
HO3' ADP D . 13.65 -23.18 -6.78
H2' ADP D . 13.41 -25.43 -4.80
HO2' ADP D . 12.68 -25.36 -7.03
H1' ADP D . 14.73 -27.67 -5.80
H8 ADP D . 16.16 -25.22 -3.18
HN61 ADP D . 13.34 -28.73 1.14
HN62 ADP D . 14.40 -27.38 0.79
H2 ADP D . 12.17 -30.37 -3.03
MG MG E . 18.21 -17.09 -2.27
MG MG F . 15.51 -19.96 -5.79
ZN ZN G . 18.56 11.17 -0.41
P1 KGN H . -6.59 15.53 2.30
P2 KGN H . -9.71 13.45 -1.33
P3 KGN H . -10.45 9.21 0.16
P4 KGN H . -9.50 8.49 3.89
P5 KGN H . -6.74 11.86 5.64
P6 KGN H . -4.09 11.90 0.90
C1 KGN H . -7.12 13.16 1.23
C2 KGN H . -8.19 12.33 0.50
C3 KGN H . -8.90 11.16 1.18
C4 KGN H . -8.24 10.52 2.38
C5 KGN H . -7.46 11.60 3.10
C6 KGN H . -6.40 12.28 2.21
O11 KGN H . -7.61 14.34 1.90
O12 KGN H . -9.24 13.21 0.17
O13 KGN H . -9.14 10.17 0.17
O14 KGN H . -9.27 9.98 3.25
O15 KGN H . -6.92 11.01 4.29
O16 KGN H . -5.56 11.41 1.42
O21 KGN H . -5.24 15.04 1.86
O22 KGN H . -11.17 13.01 -1.38
O23 KGN H . -9.87 7.81 0.36
O24 KGN H . -9.17 8.59 5.37
O25 KGN H . -5.25 12.08 5.67
O26 KGN H . -3.47 12.63 2.08
O31 KGN H . -7.16 16.73 1.57
O32 KGN H . -8.79 12.56 -2.15
O33 KGN H . -11.04 9.40 -1.22
O34 KGN H . -8.62 7.49 3.15
O35 KGN H . -7.31 10.98 6.72
O36 KGN H . -4.36 12.79 -0.29
O41 KGN H . -6.64 15.66 3.80
O42 KGN H . -9.51 14.94 -1.43
O43 KGN H . -11.36 9.73 1.26
O44 KGN H . -10.98 8.29 3.64
O45 KGN H . -7.54 13.10 5.41
O46 KGN H . -3.42 10.61 0.53
H1 KGN H . -6.39 13.48 0.48
H2 KGN H . -7.74 11.95 -0.43
H3 KGN H . -9.88 11.55 1.52
H4 KGN H . -7.55 9.73 2.05
H5 KGN H . -8.18 12.37 3.39
H6 KGN H . -5.76 12.90 2.85
PB ADP I . -9.67 18.15 -1.43
O1B ADP I . -8.71 18.71 -2.48
O2B ADP I . -10.93 17.64 -2.10
O3B ADP I . -9.09 17.23 -0.37
PA ADP I . -9.98 20.86 -0.98
O1A ADP I . -11.00 21.79 -0.35
O2A ADP I . -9.80 20.80 -2.47
O3A ADP I . -10.14 19.36 -0.47
O5' ADP I . -8.57 21.23 -0.36
C5' ADP I . -7.91 22.43 -0.74
C4' ADP I . -7.52 23.14 0.55
O4' ADP I . -7.50 24.54 0.31
C3' ADP I . -8.50 22.87 1.70
O3' ADP I . -8.12 21.78 2.57
C2' ADP I . -8.56 24.20 2.41
O2' ADP I . -7.62 24.25 3.49
C1' ADP I . -8.20 25.21 1.33
N9 ADP I . -9.47 25.66 0.77
C8 ADP I . -10.27 24.96 -0.06
N7 ADP I . -11.38 25.69 -0.38
C5 ADP I . -11.28 26.86 0.27
C6 ADP I . -12.11 28.08 0.38
N6 ADP I . -13.28 28.18 -0.28
N1 ADP I . -11.63 29.07 1.16
C2 ADP I . -10.46 28.97 1.83
N3 ADP I . -9.67 27.89 1.78
C4 ADP I . -10.02 26.83 1.03
H5'1 ADP I . -8.58 23.06 -1.34
H5'2 ADP I . -7.02 22.21 -1.34
H4' ADP I . -6.52 22.80 0.84
H3' ADP I . -9.48 22.67 1.27
HO3' ADP I . -8.78 21.68 3.27
H2' ADP I . -9.58 24.39 2.77
HO2' ADP I . -7.83 23.57 4.14
H1' ADP I . -7.61 26.03 1.75
H8 ADP I . -10.05 23.97 -0.43
HN61 ADP I . -13.84 29.02 -0.20
HN62 ADP I . -13.59 27.42 -0.86
H2 ADP I . -10.16 29.80 2.45
MG MG J . -10.09 18.69 2.00
MG MG K . -12.60 15.93 -1.10
ZN ZN L . -21.21 -10.34 0.62
#